data_6J3L
#
_entry.id   6J3L
#
_entity_poly.entity_id   1
_entity_poly.type   'polypeptide(L)'
_entity_poly.pdbx_seq_one_letter_code
;GSHMNKVQAPARPGAIAPLSVVIPAHNTGLGPEKTSFFQALSIPTKISKGTIEIINDVHILKPGDKVGASEATLLNMLNI
SPFSYG
;
_entity_poly.pdbx_strand_id   A
#
# COMPACT_ATOMS: atom_id res chain seq x y z
N MET A 4 -13.95 12.37 8.96
CA MET A 4 -13.46 10.97 8.93
C MET A 4 -12.63 10.69 10.17
N ASN A 5 -12.56 9.43 10.57
CA ASN A 5 -11.81 9.05 11.77
C ASN A 5 -11.05 7.76 11.52
N LYS A 6 -11.76 6.70 11.19
CA LYS A 6 -11.11 5.43 10.87
C LYS A 6 -11.23 5.17 9.38
N VAL A 7 -10.75 6.13 8.59
CA VAL A 7 -10.79 6.02 7.14
C VAL A 7 -9.87 4.89 6.67
N GLN A 8 -8.75 4.76 7.35
CA GLN A 8 -7.81 3.70 7.05
C GLN A 8 -8.19 2.44 7.82
N ALA A 9 -8.67 1.44 7.10
CA ALA A 9 -9.07 0.19 7.71
C ALA A 9 -7.85 -0.54 8.29
N PRO A 10 -8.07 -1.28 9.39
CA PRO A 10 -7.01 -2.05 10.05
C PRO A 10 -6.45 -3.17 9.16
N ALA A 11 -5.47 -2.82 8.34
CA ALA A 11 -4.78 -3.79 7.50
C ALA A 11 -3.90 -4.68 8.35
N ARG A 12 -4.19 -5.96 8.37
CA ARG A 12 -3.48 -6.88 9.23
C ARG A 12 -3.18 -8.19 8.51
N PRO A 13 -1.92 -8.65 8.55
CA PRO A 13 -1.47 -9.88 7.91
C PRO A 13 -2.29 -11.09 8.34
N GLY A 14 -2.87 -11.77 7.36
CA GLY A 14 -3.71 -12.92 7.64
C GLY A 14 -5.12 -12.71 7.14
N ALA A 15 -5.52 -11.47 7.04
CA ALA A 15 -6.85 -11.13 6.56
C ALA A 15 -6.92 -11.25 5.04
N ILE A 16 -8.09 -11.63 4.55
CA ILE A 16 -8.30 -11.79 3.12
C ILE A 16 -8.58 -10.43 2.48
N ALA A 17 -8.07 -10.25 1.27
CA ALA A 17 -8.27 -9.00 0.53
C ALA A 17 -9.59 -9.03 -0.22
N PRO A 18 -10.61 -8.32 0.28
CA PRO A 18 -11.94 -8.29 -0.33
C PRO A 18 -12.02 -7.34 -1.52
N LEU A 19 -11.23 -6.28 -1.49
CA LEU A 19 -11.32 -5.22 -2.50
C LEU A 19 -10.11 -5.21 -3.41
N SER A 20 -10.24 -4.49 -4.52
CA SER A 20 -9.14 -4.33 -5.46
C SER A 20 -8.36 -3.07 -5.14
N VAL A 21 -7.43 -3.19 -4.23
CA VAL A 21 -6.66 -2.04 -3.77
C VAL A 21 -5.52 -1.74 -4.73
N VAL A 22 -5.37 -0.48 -5.07
CA VAL A 22 -4.35 -0.05 -6.00
C VAL A 22 -3.51 1.07 -5.39
N ILE A 23 -2.20 0.86 -5.35
CA ILE A 23 -1.27 1.90 -4.92
C ILE A 23 -1.01 2.85 -6.08
N PRO A 24 -1.55 4.07 -6.02
CA PRO A 24 -1.53 5.01 -7.14
C PRO A 24 -0.14 5.47 -7.53
N ALA A 25 0.02 5.70 -8.82
CA ALA A 25 1.24 6.21 -9.38
C ALA A 25 1.42 7.69 -9.02
N HIS A 26 1.91 7.91 -7.81
CA HIS A 26 1.95 9.24 -7.20
C HIS A 26 2.83 9.15 -5.97
N ASN A 27 3.41 10.26 -5.53
CA ASN A 27 4.26 10.24 -4.35
C ASN A 27 3.45 9.84 -3.12
N THR A 28 4.00 8.90 -2.36
CA THR A 28 3.28 8.31 -1.25
C THR A 28 3.40 9.16 0.01
N GLY A 29 4.33 10.11 -0.02
CA GLY A 29 4.58 10.94 1.14
C GLY A 29 5.60 10.29 2.06
N LEU A 30 5.84 9.01 1.82
CA LEU A 30 6.77 8.24 2.61
C LEU A 30 8.21 8.55 2.22
N GLY A 31 9.10 8.46 3.20
CA GLY A 31 10.50 8.68 2.94
C GLY A 31 11.07 7.64 1.98
N PRO A 32 12.22 7.92 1.37
CA PRO A 32 12.81 7.04 0.35
C PRO A 32 13.15 5.65 0.87
N GLU A 33 13.11 5.50 2.19
CA GLU A 33 13.41 4.23 2.83
C GLU A 33 12.32 3.21 2.59
N LYS A 34 11.08 3.68 2.44
CA LYS A 34 9.93 2.78 2.34
C LYS A 34 9.91 2.06 1.01
N THR A 35 10.83 2.44 0.13
CA THR A 35 10.93 1.80 -1.17
C THR A 35 11.33 0.34 -1.00
N SER A 36 11.92 0.03 0.15
CA SER A 36 12.26 -1.34 0.50
C SER A 36 10.98 -2.15 0.65
N PHE A 37 9.95 -1.54 1.23
CA PHE A 37 8.66 -2.20 1.41
C PHE A 37 7.93 -2.30 0.09
N PHE A 38 7.97 -1.22 -0.70
CA PHE A 38 7.34 -1.23 -2.01
C PHE A 38 7.97 -2.32 -2.87
N GLN A 39 9.30 -2.36 -2.89
CA GLN A 39 10.04 -3.37 -3.61
C GLN A 39 9.82 -4.75 -2.98
N ALA A 40 9.55 -4.77 -1.68
CA ALA A 40 9.26 -6.02 -0.98
C ALA A 40 7.98 -6.63 -1.51
N LEU A 41 7.04 -5.77 -1.90
CA LEU A 41 5.82 -6.24 -2.54
C LEU A 41 5.94 -6.18 -4.06
N SER A 42 7.17 -6.13 -4.54
CA SER A 42 7.48 -6.15 -5.97
C SER A 42 6.82 -4.97 -6.69
N ILE A 43 7.16 -3.76 -6.24
CA ILE A 43 6.61 -2.55 -6.81
C ILE A 43 7.69 -1.71 -7.50
N PRO A 44 7.40 -1.19 -8.71
CA PRO A 44 8.30 -0.27 -9.42
C PRO A 44 8.28 1.12 -8.79
N THR A 45 9.42 1.56 -8.29
CA THR A 45 9.47 2.79 -7.52
C THR A 45 10.54 3.74 -8.02
N LYS A 46 10.31 5.03 -7.81
CA LYS A 46 11.30 6.06 -8.08
C LYS A 46 11.13 7.20 -7.07
N ILE A 47 12.22 7.85 -6.72
CA ILE A 47 12.20 8.92 -5.73
C ILE A 47 11.82 10.24 -6.38
N SER A 48 10.82 10.91 -5.81
CA SER A 48 10.32 12.16 -6.36
C SER A 48 10.89 13.37 -5.61
N LYS A 49 10.28 13.72 -4.49
CA LYS A 49 10.63 14.93 -3.77
C LYS A 49 11.25 14.58 -2.43
N GLY A 50 12.27 13.74 -2.47
CA GLY A 50 12.83 13.19 -1.24
C GLY A 50 11.87 12.22 -0.60
N THR A 51 10.88 11.83 -1.40
CA THR A 51 9.88 10.87 -0.99
C THR A 51 9.76 9.82 -2.08
N ILE A 52 9.38 8.61 -1.70
CA ILE A 52 9.25 7.53 -2.65
C ILE A 52 7.94 7.65 -3.42
N GLU A 53 8.03 7.61 -4.74
CA GLU A 53 6.87 7.75 -5.61
C GLU A 53 6.67 6.48 -6.42
N ILE A 54 5.43 6.26 -6.81
CA ILE A 54 5.05 5.10 -7.58
C ILE A 54 4.93 5.47 -9.06
N ILE A 55 5.52 4.65 -9.91
CA ILE A 55 5.54 4.95 -11.33
C ILE A 55 4.40 4.27 -12.08
N ASN A 56 4.05 3.07 -11.64
CA ASN A 56 2.93 2.34 -12.23
C ASN A 56 1.90 2.02 -11.16
N ASP A 57 0.63 2.29 -11.45
CA ASP A 57 -0.46 1.96 -10.52
C ASP A 57 -0.42 0.48 -10.15
N VAL A 58 -0.17 0.22 -8.88
CA VAL A 58 0.07 -1.15 -8.41
C VAL A 58 -1.20 -1.83 -7.97
N HIS A 59 -1.48 -3.01 -8.50
CA HIS A 59 -2.56 -3.84 -7.99
C HIS A 59 -2.09 -4.57 -6.74
N ILE A 60 -1.98 -3.82 -5.65
CA ILE A 60 -1.41 -4.35 -4.41
C ILE A 60 -2.29 -5.46 -3.83
N LEU A 61 -3.59 -5.20 -3.70
CA LEU A 61 -4.51 -6.22 -3.21
C LEU A 61 -5.48 -6.63 -4.30
N LYS A 62 -5.85 -7.88 -4.25
CA LYS A 62 -6.75 -8.45 -5.23
C LYS A 62 -7.90 -9.12 -4.48
N PRO A 63 -9.15 -8.88 -4.90
CA PRO A 63 -10.32 -9.51 -4.28
C PRO A 63 -10.21 -11.04 -4.32
N GLY A 64 -9.85 -11.61 -3.18
CA GLY A 64 -9.63 -13.04 -3.10
C GLY A 64 -8.21 -13.37 -2.67
N ASP A 65 -7.39 -12.34 -2.56
CA ASP A 65 -6.00 -12.49 -2.15
C ASP A 65 -5.90 -12.47 -0.63
N LYS A 66 -4.69 -12.48 -0.10
CA LYS A 66 -4.50 -12.52 1.34
C LYS A 66 -3.43 -11.51 1.75
N VAL A 67 -3.84 -10.52 2.54
CA VAL A 67 -2.96 -9.45 2.98
C VAL A 67 -1.79 -9.99 3.81
N GLY A 68 -0.57 -9.72 3.35
CA GLY A 68 0.62 -10.19 4.05
C GLY A 68 1.09 -9.23 5.12
N ALA A 69 2.27 -9.49 5.68
CA ALA A 69 2.80 -8.71 6.79
C ALA A 69 3.34 -7.36 6.32
N SER A 70 4.37 -7.40 5.49
CA SER A 70 4.96 -6.19 4.94
C SER A 70 3.95 -5.52 4.01
N GLU A 71 3.03 -6.33 3.50
CA GLU A 71 1.98 -5.85 2.63
C GLU A 71 0.98 -5.01 3.42
N ALA A 72 0.52 -5.56 4.54
CA ALA A 72 -0.33 -4.83 5.47
C ALA A 72 0.34 -3.54 5.90
N THR A 73 1.61 -3.67 6.28
CA THR A 73 2.40 -2.53 6.69
C THR A 73 2.48 -1.49 5.59
N LEU A 74 2.66 -1.96 4.37
CA LEU A 74 2.73 -1.08 3.20
C LEU A 74 1.44 -0.28 3.04
N LEU A 75 0.31 -0.98 3.12
CA LEU A 75 -0.99 -0.35 2.98
C LEU A 75 -1.27 0.60 4.15
N ASN A 76 -0.69 0.29 5.31
CA ASN A 76 -0.85 1.11 6.49
C ASN A 76 -0.02 2.37 6.37
N MET A 77 1.11 2.25 5.71
CA MET A 77 1.99 3.39 5.49
C MET A 77 1.45 4.24 4.34
N LEU A 78 0.72 3.59 3.44
CA LEU A 78 0.12 4.28 2.31
C LEU A 78 -1.13 5.02 2.71
N ASN A 79 -1.63 4.70 3.90
CA ASN A 79 -2.85 5.30 4.44
C ASN A 79 -4.03 5.00 3.53
N ILE A 80 -4.01 3.82 2.94
CA ILE A 80 -5.07 3.38 2.05
C ILE A 80 -5.94 2.34 2.75
N SER A 81 -7.24 2.37 2.50
CA SER A 81 -8.16 1.49 3.18
C SER A 81 -8.46 0.25 2.33
N PRO A 82 -7.88 -0.91 2.70
CA PRO A 82 -8.07 -2.15 1.97
C PRO A 82 -9.33 -2.91 2.41
N PHE A 83 -10.13 -2.29 3.27
CA PHE A 83 -11.36 -2.92 3.74
C PHE A 83 -12.52 -1.93 3.72
N SER A 84 -12.58 -1.07 4.73
CA SER A 84 -13.67 -0.10 4.85
C SER A 84 -13.22 1.14 5.61
N TYR A 85 -13.95 2.23 5.43
CA TYR A 85 -13.60 3.51 6.05
C TYR A 85 -14.72 4.02 6.94
N GLY A 86 -15.68 3.15 7.24
CA GLY A 86 -16.77 3.53 8.10
C GLY A 86 -17.89 4.19 7.33
N MET A 4 -11.18 12.82 3.63
CA MET A 4 -9.99 11.97 3.42
C MET A 4 -8.81 12.46 4.26
N ASN A 5 -8.51 11.74 5.34
CA ASN A 5 -7.37 12.08 6.18
C ASN A 5 -6.78 10.82 6.83
N LYS A 6 -7.66 9.91 7.22
CA LYS A 6 -7.24 8.60 7.69
C LYS A 6 -8.23 7.54 7.22
N VAL A 7 -8.35 7.44 5.90
CA VAL A 7 -9.31 6.53 5.28
C VAL A 7 -8.86 5.08 5.40
N GLN A 8 -7.64 4.89 5.86
CA GLN A 8 -7.06 3.57 6.02
C GLN A 8 -7.97 2.63 6.80
N ALA A 9 -8.00 1.38 6.37
CA ALA A 9 -8.75 0.34 7.06
C ALA A 9 -7.76 -0.56 7.81
N PRO A 10 -8.23 -1.26 8.86
CA PRO A 10 -7.37 -2.15 9.66
C PRO A 10 -6.82 -3.32 8.84
N ALA A 11 -5.71 -3.07 8.16
CA ALA A 11 -5.06 -4.08 7.36
C ALA A 11 -4.16 -4.93 8.22
N ARG A 12 -4.52 -6.20 8.36
CA ARG A 12 -3.78 -7.11 9.20
C ARG A 12 -3.44 -8.37 8.43
N PRO A 13 -2.16 -8.78 8.44
CA PRO A 13 -1.70 -10.00 7.78
C PRO A 13 -2.52 -11.21 8.20
N GLY A 14 -3.12 -11.87 7.23
CA GLY A 14 -3.95 -13.01 7.56
C GLY A 14 -5.37 -12.83 7.08
N ALA A 15 -5.73 -11.58 6.80
CA ALA A 15 -7.05 -11.26 6.30
C ALA A 15 -7.10 -11.39 4.78
N ILE A 16 -8.22 -11.86 4.27
CA ILE A 16 -8.41 -12.01 2.83
C ILE A 16 -8.78 -10.67 2.22
N ALA A 17 -8.10 -10.31 1.14
CA ALA A 17 -8.29 -9.03 0.48
C ALA A 17 -9.67 -8.93 -0.17
N PRO A 18 -10.55 -8.08 0.38
CA PRO A 18 -11.91 -7.91 -0.12
C PRO A 18 -11.99 -7.05 -1.39
N LEU A 19 -11.09 -6.09 -1.52
CA LEU A 19 -11.16 -5.11 -2.61
C LEU A 19 -9.91 -5.13 -3.46
N SER A 20 -10.04 -4.60 -4.67
CA SER A 20 -8.90 -4.46 -5.57
C SER A 20 -8.13 -3.20 -5.24
N VAL A 21 -7.34 -3.29 -4.19
CA VAL A 21 -6.61 -2.13 -3.71
C VAL A 21 -5.49 -1.77 -4.66
N VAL A 22 -5.38 -0.49 -4.95
CA VAL A 22 -4.37 0.01 -5.84
C VAL A 22 -3.54 1.09 -5.15
N ILE A 23 -2.22 0.94 -5.20
CA ILE A 23 -1.31 1.95 -4.71
C ILE A 23 -1.06 2.97 -5.81
N PRO A 24 -1.63 4.18 -5.65
CA PRO A 24 -1.62 5.21 -6.71
C PRO A 24 -0.24 5.61 -7.16
N ALA A 25 -0.14 5.80 -8.47
CA ALA A 25 1.06 6.28 -9.11
C ALA A 25 1.25 7.76 -8.80
N HIS A 26 1.87 8.03 -7.66
CA HIS A 26 2.03 9.39 -7.17
C HIS A 26 2.95 9.33 -5.95
N ASN A 27 3.30 10.48 -5.39
CA ASN A 27 4.07 10.50 -4.16
C ASN A 27 3.28 9.85 -3.04
N THR A 28 3.96 9.06 -2.24
CA THR A 28 3.31 8.32 -1.17
C THR A 28 3.34 9.08 0.14
N GLY A 29 4.12 10.16 0.18
CA GLY A 29 4.30 10.91 1.40
C GLY A 29 5.27 10.23 2.34
N LEU A 30 6.01 9.28 1.79
CA LEU A 30 6.99 8.53 2.55
C LEU A 30 8.39 8.82 2.06
N GLY A 31 9.36 8.69 2.95
CA GLY A 31 10.75 8.93 2.59
C GLY A 31 11.28 7.85 1.68
N PRO A 32 12.45 8.08 1.06
CA PRO A 32 13.05 7.14 0.09
C PRO A 32 13.54 5.84 0.74
N GLU A 33 13.24 5.69 2.02
CA GLU A 33 13.64 4.52 2.78
C GLU A 33 12.60 3.41 2.65
N LYS A 34 11.33 3.81 2.56
CA LYS A 34 10.23 2.86 2.60
C LYS A 34 10.11 2.11 1.27
N THR A 35 10.96 2.48 0.33
CA THR A 35 11.01 1.83 -0.97
C THR A 35 11.41 0.37 -0.80
N SER A 36 12.07 0.06 0.30
CA SER A 36 12.39 -1.32 0.63
C SER A 36 11.11 -2.13 0.79
N PHE A 37 10.12 -1.54 1.43
CA PHE A 37 8.82 -2.18 1.60
C PHE A 37 8.07 -2.25 0.27
N PHE A 38 8.10 -1.15 -0.48
CA PHE A 38 7.44 -1.13 -1.79
C PHE A 38 8.03 -2.21 -2.68
N GLN A 39 9.36 -2.26 -2.71
CA GLN A 39 10.09 -3.25 -3.49
C GLN A 39 9.91 -4.64 -2.92
N ALA A 40 9.67 -4.73 -1.62
CA ALA A 40 9.39 -6.00 -0.98
C ALA A 40 8.07 -6.57 -1.48
N LEU A 41 7.15 -5.68 -1.82
CA LEU A 41 5.90 -6.09 -2.45
C LEU A 41 6.00 -6.00 -3.98
N SER A 42 7.23 -6.04 -4.49
CA SER A 42 7.49 -6.09 -5.93
C SER A 42 6.89 -4.89 -6.64
N ILE A 43 7.06 -3.71 -6.07
CA ILE A 43 6.50 -2.49 -6.63
C ILE A 43 7.54 -1.66 -7.36
N PRO A 44 7.21 -1.17 -8.58
CA PRO A 44 8.09 -0.28 -9.33
C PRO A 44 8.14 1.09 -8.71
N THR A 45 9.26 1.43 -8.10
CA THR A 45 9.37 2.67 -7.37
C THR A 45 10.50 3.54 -7.89
N LYS A 46 10.27 4.84 -7.85
CA LYS A 46 11.30 5.82 -8.15
C LYS A 46 11.18 6.98 -7.18
N ILE A 47 12.29 7.61 -6.86
CA ILE A 47 12.29 8.69 -5.89
C ILE A 47 12.00 10.03 -6.57
N SER A 48 11.07 10.77 -6.00
CA SER A 48 10.70 12.07 -6.53
C SER A 48 10.56 13.08 -5.39
N LYS A 49 11.29 14.18 -5.49
CA LYS A 49 11.23 15.26 -4.50
C LYS A 49 11.61 14.75 -3.11
N GLY A 50 12.58 13.85 -3.06
CA GLY A 50 13.05 13.32 -1.79
C GLY A 50 12.04 12.39 -1.13
N THR A 51 11.05 11.97 -1.87
CA THR A 51 10.07 11.02 -1.39
C THR A 51 9.91 9.89 -2.40
N ILE A 52 9.54 8.72 -1.92
CA ILE A 52 9.36 7.59 -2.80
C ILE A 52 8.02 7.72 -3.52
N GLU A 53 8.08 7.69 -4.85
CA GLU A 53 6.90 7.83 -5.68
C GLU A 53 6.62 6.54 -6.43
N ILE A 54 5.36 6.33 -6.74
CA ILE A 54 4.92 5.18 -7.49
C ILE A 54 4.78 5.53 -8.95
N ILE A 55 5.37 4.74 -9.82
CA ILE A 55 5.38 5.04 -11.24
C ILE A 55 4.21 4.39 -11.97
N ASN A 56 3.86 3.19 -11.54
CA ASN A 56 2.74 2.45 -12.12
C ASN A 56 1.74 2.12 -11.03
N ASP A 57 0.46 2.38 -11.28
CA ASP A 57 -0.58 2.09 -10.29
C ASP A 57 -0.56 0.60 -9.95
N VAL A 58 -0.22 0.31 -8.70
CA VAL A 58 0.04 -1.06 -8.28
C VAL A 58 -1.23 -1.78 -7.91
N HIS A 59 -1.44 -2.94 -8.49
CA HIS A 59 -2.53 -3.82 -8.10
C HIS A 59 -2.09 -4.62 -6.88
N ILE A 60 -2.01 -3.93 -5.74
CA ILE A 60 -1.45 -4.51 -4.52
C ILE A 60 -2.36 -5.59 -3.95
N LEU A 61 -3.65 -5.31 -3.84
CA LEU A 61 -4.59 -6.31 -3.37
C LEU A 61 -5.60 -6.64 -4.45
N LYS A 62 -6.22 -7.79 -4.29
CA LYS A 62 -7.21 -8.28 -5.24
C LYS A 62 -8.11 -9.28 -4.55
N PRO A 63 -9.43 -9.12 -4.70
CA PRO A 63 -10.44 -9.99 -4.09
C PRO A 63 -10.12 -11.47 -4.22
N GLY A 64 -9.75 -12.09 -3.10
CA GLY A 64 -9.39 -13.49 -3.10
C GLY A 64 -7.99 -13.72 -2.59
N ASP A 65 -7.17 -12.70 -2.64
CA ASP A 65 -5.79 -12.79 -2.17
C ASP A 65 -5.74 -12.62 -0.66
N LYS A 66 -4.55 -12.72 -0.09
CA LYS A 66 -4.39 -12.67 1.35
C LYS A 66 -3.38 -11.61 1.74
N VAL A 67 -3.84 -10.63 2.50
CA VAL A 67 -3.01 -9.52 2.93
C VAL A 67 -1.83 -10.03 3.76
N GLY A 68 -0.62 -9.72 3.30
CA GLY A 68 0.58 -10.16 3.99
C GLY A 68 0.99 -9.21 5.10
N ALA A 69 2.11 -9.52 5.75
CA ALA A 69 2.60 -8.74 6.88
C ALA A 69 3.19 -7.41 6.44
N SER A 70 4.26 -7.49 5.66
CA SER A 70 4.89 -6.29 5.11
C SER A 70 3.93 -5.62 4.14
N GLU A 71 3.03 -6.42 3.60
CA GLU A 71 2.00 -5.95 2.70
C GLU A 71 0.99 -5.08 3.46
N ALA A 72 0.51 -5.60 4.58
CA ALA A 72 -0.38 -4.84 5.46
C ALA A 72 0.31 -3.58 5.93
N THR A 73 1.58 -3.71 6.28
CA THR A 73 2.40 -2.59 6.71
C THR A 73 2.52 -1.55 5.60
N LEU A 74 2.65 -2.03 4.37
CA LEU A 74 2.72 -1.16 3.21
C LEU A 74 1.44 -0.35 3.07
N LEU A 75 0.31 -1.03 3.15
CA LEU A 75 -0.99 -0.37 3.03
C LEU A 75 -1.29 0.47 4.27
N ASN A 76 -0.58 0.18 5.35
CA ASN A 76 -0.68 0.93 6.59
C ASN A 76 0.00 2.27 6.41
N MET A 77 1.16 2.24 5.77
CA MET A 77 1.93 3.44 5.52
C MET A 77 1.25 4.31 4.48
N LEU A 78 0.59 3.64 3.53
CA LEU A 78 -0.06 4.32 2.42
C LEU A 78 -1.37 4.96 2.82
N ASN A 79 -1.91 4.55 3.97
CA ASN A 79 -3.17 5.07 4.48
C ASN A 79 -4.29 4.77 3.48
N ILE A 80 -4.34 3.51 3.03
CA ILE A 80 -5.31 3.09 2.04
C ILE A 80 -6.33 2.16 2.68
N SER A 81 -7.51 2.01 2.07
CA SER A 81 -8.59 1.23 2.63
C SER A 81 -8.74 -0.14 1.93
N PRO A 82 -8.05 -1.20 2.41
CA PRO A 82 -8.25 -2.55 1.89
C PRO A 82 -9.63 -3.11 2.24
N PHE A 83 -10.29 -2.47 3.21
CA PHE A 83 -11.61 -2.88 3.64
C PHE A 83 -12.61 -1.74 3.45
N SER A 84 -12.48 -0.70 4.27
CA SER A 84 -13.37 0.44 4.18
C SER A 84 -12.74 1.67 4.84
N TYR A 85 -13.23 2.85 4.47
CA TYR A 85 -12.76 4.09 5.09
C TYR A 85 -13.75 4.54 6.15
N GLY A 86 -13.28 5.35 7.08
CA GLY A 86 -14.14 5.83 8.14
C GLY A 86 -14.23 7.34 8.14
N MET A 4 -4.91 6.38 8.14
CA MET A 4 -4.52 7.20 9.31
C MET A 4 -4.66 6.42 10.62
N ASN A 5 -5.89 6.34 11.14
CA ASN A 5 -6.14 5.62 12.40
C ASN A 5 -7.61 5.27 12.53
N LYS A 6 -8.44 6.27 12.79
CA LYS A 6 -9.88 6.07 12.79
C LYS A 6 -10.32 5.75 11.38
N VAL A 7 -9.65 6.38 10.43
CA VAL A 7 -9.78 6.02 9.03
C VAL A 7 -8.56 5.23 8.59
N GLN A 8 -8.48 4.01 9.09
CA GLN A 8 -7.43 3.06 8.71
C GLN A 8 -7.86 1.67 9.10
N ALA A 9 -8.42 0.96 8.14
CA ALA A 9 -8.87 -0.41 8.35
C ALA A 9 -7.75 -1.28 8.89
N PRO A 10 -8.11 -2.26 9.74
CA PRO A 10 -7.15 -3.21 10.32
C PRO A 10 -6.50 -4.10 9.27
N ALA A 11 -5.58 -3.54 8.52
CA ALA A 11 -4.82 -4.29 7.53
C ALA A 11 -3.82 -5.18 8.23
N ARG A 12 -4.11 -6.46 8.29
CA ARG A 12 -3.30 -7.39 9.03
C ARG A 12 -3.01 -8.65 8.21
N PRO A 13 -1.74 -9.09 8.20
CA PRO A 13 -1.29 -10.30 7.49
C PRO A 13 -2.10 -11.54 7.88
N GLY A 14 -2.77 -12.12 6.89
CA GLY A 14 -3.58 -13.29 7.15
C GLY A 14 -5.04 -13.05 6.85
N ALA A 15 -5.37 -11.81 6.55
CA ALA A 15 -6.73 -11.45 6.21
C ALA A 15 -6.91 -11.47 4.69
N ILE A 16 -8.09 -11.85 4.24
CA ILE A 16 -8.39 -11.90 2.82
C ILE A 16 -8.77 -10.52 2.32
N ALA A 17 -8.07 -10.08 1.27
CA ALA A 17 -8.27 -8.76 0.68
C ALA A 17 -9.70 -8.55 0.23
N PRO A 18 -10.43 -7.65 0.90
CA PRO A 18 -11.81 -7.31 0.55
C PRO A 18 -11.91 -6.45 -0.72
N LEU A 19 -11.13 -5.39 -0.77
CA LEU A 19 -11.25 -4.42 -1.86
C LEU A 19 -10.11 -4.56 -2.86
N SER A 20 -10.33 -4.03 -4.05
CA SER A 20 -9.32 -4.01 -5.08
C SER A 20 -8.43 -2.79 -4.92
N VAL A 21 -7.46 -2.90 -4.03
CA VAL A 21 -6.62 -1.77 -3.69
C VAL A 21 -5.52 -1.57 -4.72
N VAL A 22 -5.36 -0.34 -5.15
CA VAL A 22 -4.32 0.02 -6.07
C VAL A 22 -3.46 1.14 -5.47
N ILE A 23 -2.14 0.93 -5.47
CA ILE A 23 -1.22 1.95 -5.00
C ILE A 23 -0.93 2.92 -6.15
N PRO A 24 -1.48 4.16 -6.05
CA PRO A 24 -1.45 5.12 -7.15
C PRO A 24 -0.05 5.61 -7.51
N ALA A 25 0.16 5.69 -8.80
CA ALA A 25 1.42 6.17 -9.35
C ALA A 25 1.42 7.69 -9.42
N HIS A 26 1.54 8.31 -8.25
CA HIS A 26 1.45 9.76 -8.15
C HIS A 26 2.26 10.25 -6.96
N ASN A 27 1.96 9.75 -5.77
CA ASN A 27 2.72 10.06 -4.56
C ASN A 27 2.20 9.31 -3.36
N THR A 28 3.08 9.02 -2.43
CA THR A 28 2.72 8.33 -1.21
C THR A 28 2.92 9.22 0.01
N GLY A 29 3.73 10.27 -0.16
CA GLY A 29 4.04 11.17 0.93
C GLY A 29 5.06 10.57 1.88
N LEU A 30 5.57 9.40 1.51
CA LEU A 30 6.47 8.66 2.36
C LEU A 30 7.92 8.94 2.00
N GLY A 31 8.78 8.84 3.00
CA GLY A 31 10.21 9.04 2.78
C GLY A 31 10.82 7.87 2.03
N PRO A 32 12.08 8.02 1.58
CA PRO A 32 12.73 7.04 0.71
C PRO A 32 12.95 5.69 1.40
N GLU A 33 12.89 5.67 2.72
CA GLU A 33 13.03 4.43 3.49
C GLU A 33 11.96 3.42 3.08
N LYS A 34 10.77 3.93 2.80
CA LYS A 34 9.61 3.09 2.60
C LYS A 34 9.68 2.33 1.29
N THR A 35 10.63 2.71 0.45
CA THR A 35 10.81 2.06 -0.84
C THR A 35 11.24 0.61 -0.64
N SER A 36 11.81 0.32 0.54
CA SER A 36 12.18 -1.04 0.87
C SER A 36 10.92 -1.91 0.94
N PHE A 37 9.85 -1.34 1.48
CA PHE A 37 8.59 -2.05 1.60
C PHE A 37 7.89 -2.13 0.24
N PHE A 38 7.95 -1.03 -0.50
CA PHE A 38 7.37 -1.01 -1.84
C PHE A 38 8.05 -2.07 -2.70
N GLN A 39 9.38 -2.06 -2.66
CA GLN A 39 10.18 -3.05 -3.39
C GLN A 39 9.97 -4.45 -2.83
N ALA A 40 9.68 -4.54 -1.53
CA ALA A 40 9.39 -5.82 -0.90
C ALA A 40 8.12 -6.43 -1.48
N LEU A 41 7.18 -5.58 -1.85
CA LEU A 41 5.97 -6.05 -2.53
C LEU A 41 6.15 -6.01 -4.06
N SER A 42 7.41 -5.97 -4.49
CA SER A 42 7.77 -6.00 -5.91
C SER A 42 7.16 -4.82 -6.67
N ILE A 43 7.25 -3.64 -6.08
CA ILE A 43 6.67 -2.45 -6.68
C ILE A 43 7.73 -1.61 -7.39
N PRO A 44 7.44 -1.16 -8.62
CA PRO A 44 8.32 -0.27 -9.38
C PRO A 44 8.24 1.16 -8.84
N THR A 45 9.30 1.59 -8.17
CA THR A 45 9.29 2.87 -7.49
C THR A 45 10.39 3.79 -7.97
N LYS A 46 10.27 5.06 -7.64
CA LYS A 46 11.29 6.05 -7.90
C LYS A 46 11.24 7.13 -6.83
N ILE A 47 12.39 7.63 -6.45
CA ILE A 47 12.45 8.73 -5.50
C ILE A 47 12.36 10.04 -6.26
N SER A 48 11.23 10.74 -6.10
CA SER A 48 10.99 11.98 -6.82
C SER A 48 12.00 13.05 -6.41
N LYS A 49 12.38 13.03 -5.14
CA LYS A 49 13.36 13.96 -4.60
C LYS A 49 13.75 13.51 -3.19
N GLY A 50 12.80 13.60 -2.27
CA GLY A 50 13.01 13.11 -0.94
C GLY A 50 11.87 12.22 -0.49
N THR A 51 10.95 11.96 -1.42
CA THR A 51 9.84 11.08 -1.16
C THR A 51 9.79 9.99 -2.20
N ILE A 52 9.26 8.85 -1.83
CA ILE A 52 9.18 7.71 -2.73
C ILE A 52 7.86 7.76 -3.50
N GLU A 53 7.95 7.61 -4.82
CA GLU A 53 6.78 7.64 -5.68
C GLU A 53 6.70 6.35 -6.50
N ILE A 54 5.51 6.02 -6.94
CA ILE A 54 5.27 4.82 -7.73
C ILE A 54 5.13 5.21 -9.21
N ILE A 55 5.74 4.43 -10.09
CA ILE A 55 5.71 4.75 -11.52
C ILE A 55 4.55 4.06 -12.23
N ASN A 56 4.25 2.84 -11.82
CA ASN A 56 3.14 2.09 -12.40
C ASN A 56 2.14 1.73 -11.31
N ASP A 57 0.88 2.11 -11.50
CA ASP A 57 -0.17 1.87 -10.52
C ASP A 57 -0.21 0.39 -10.15
N VAL A 58 -0.05 0.12 -8.87
CA VAL A 58 0.14 -1.24 -8.38
C VAL A 58 -1.17 -1.88 -7.96
N HIS A 59 -1.45 -3.04 -8.52
CA HIS A 59 -2.57 -3.84 -8.05
C HIS A 59 -2.15 -4.60 -6.80
N ILE A 60 -2.12 -3.87 -5.69
CA ILE A 60 -1.60 -4.41 -4.44
C ILE A 60 -2.56 -5.41 -3.82
N LEU A 61 -3.86 -5.12 -3.85
CA LEU A 61 -4.85 -6.06 -3.32
C LEU A 61 -5.87 -6.45 -4.36
N LYS A 62 -6.23 -7.71 -4.31
CA LYS A 62 -7.28 -8.26 -5.16
C LYS A 62 -8.22 -9.09 -4.29
N PRO A 63 -9.53 -8.77 -4.33
CA PRO A 63 -10.56 -9.52 -3.60
C PRO A 63 -10.38 -11.04 -3.71
N GLY A 64 -9.83 -11.64 -2.66
CA GLY A 64 -9.58 -13.06 -2.66
C GLY A 64 -8.17 -13.39 -2.23
N ASP A 65 -7.26 -12.44 -2.42
CA ASP A 65 -5.87 -12.62 -2.03
C ASP A 65 -5.70 -12.47 -0.53
N LYS A 66 -4.62 -13.02 -0.01
CA LYS A 66 -4.32 -12.92 1.40
C LYS A 66 -3.31 -11.81 1.64
N VAL A 67 -3.71 -10.80 2.41
CA VAL A 67 -2.83 -9.69 2.73
C VAL A 67 -1.60 -10.17 3.50
N GLY A 68 -0.42 -9.83 2.99
CA GLY A 68 0.83 -10.24 3.63
C GLY A 68 1.23 -9.32 4.77
N ALA A 69 2.37 -9.61 5.39
CA ALA A 69 2.84 -8.85 6.54
C ALA A 69 3.35 -7.47 6.13
N SER A 70 4.42 -7.47 5.34
CA SER A 70 4.97 -6.23 4.83
C SER A 70 3.97 -5.55 3.93
N GLU A 71 3.07 -6.35 3.37
CA GLU A 71 2.00 -5.87 2.52
C GLU A 71 1.00 -5.07 3.35
N ALA A 72 0.61 -5.63 4.49
CA ALA A 72 -0.25 -4.95 5.43
C ALA A 72 0.39 -3.65 5.90
N THR A 73 1.67 -3.74 6.26
CA THR A 73 2.43 -2.58 6.67
C THR A 73 2.40 -1.51 5.58
N LEU A 74 2.64 -1.95 4.35
CA LEU A 74 2.65 -1.07 3.19
C LEU A 74 1.31 -0.35 3.04
N LEU A 75 0.22 -1.08 3.18
CA LEU A 75 -1.11 -0.50 3.05
C LEU A 75 -1.42 0.47 4.19
N ASN A 76 -0.84 0.22 5.36
CA ASN A 76 -0.98 1.14 6.48
C ASN A 76 -0.16 2.39 6.22
N MET A 77 0.98 2.18 5.58
CA MET A 77 1.88 3.26 5.20
C MET A 77 1.24 4.15 4.14
N LEU A 78 0.45 3.53 3.27
CA LEU A 78 -0.22 4.25 2.19
C LEU A 78 -1.46 4.97 2.69
N ASN A 79 -1.83 4.69 3.94
CA ASN A 79 -3.04 5.24 4.56
C ASN A 79 -4.28 4.74 3.84
N ILE A 80 -4.19 3.57 3.26
CA ILE A 80 -5.29 3.00 2.52
C ILE A 80 -6.00 1.93 3.35
N SER A 81 -7.30 2.07 3.47
CA SER A 81 -8.12 1.14 4.24
C SER A 81 -8.70 0.05 3.33
N PRO A 82 -8.15 -1.17 3.39
CA PRO A 82 -8.58 -2.28 2.54
C PRO A 82 -9.91 -2.89 2.96
N PHE A 83 -10.37 -2.57 4.16
CA PHE A 83 -11.62 -3.13 4.69
C PHE A 83 -12.68 -2.04 4.85
N SER A 84 -12.54 -1.25 5.90
CA SER A 84 -13.50 -0.22 6.23
C SER A 84 -12.80 1.07 6.63
N TYR A 85 -13.51 2.18 6.48
CA TYR A 85 -12.96 3.49 6.84
C TYR A 85 -13.34 3.85 8.27
N GLY A 86 -13.98 2.91 8.94
CA GLY A 86 -14.38 3.11 10.32
C GLY A 86 -14.61 1.79 11.02
N MET A 4 -15.02 11.08 8.55
CA MET A 4 -13.74 11.30 9.27
C MET A 4 -13.73 10.50 10.56
N ASN A 5 -14.11 9.24 10.47
CA ASN A 5 -14.16 8.35 11.62
C ASN A 5 -14.11 6.91 11.16
N LYS A 6 -13.35 6.09 11.87
CA LYS A 6 -13.12 4.70 11.50
C LYS A 6 -12.62 4.62 10.06
N VAL A 7 -11.63 5.46 9.75
CA VAL A 7 -11.11 5.57 8.40
C VAL A 7 -10.29 4.34 8.04
N GLN A 8 -9.09 4.25 8.61
CA GLN A 8 -8.16 3.19 8.25
C GLN A 8 -8.64 1.83 8.74
N ALA A 9 -9.04 1.00 7.81
CA ALA A 9 -9.46 -0.36 8.09
C ALA A 9 -8.30 -1.17 8.64
N PRO A 10 -8.60 -2.17 9.50
CA PRO A 10 -7.60 -3.05 10.12
C PRO A 10 -6.88 -3.93 9.11
N ALA A 11 -5.91 -3.36 8.40
CA ALA A 11 -5.06 -4.13 7.50
C ALA A 11 -4.11 -4.98 8.31
N ARG A 12 -4.40 -6.27 8.40
CA ARG A 12 -3.63 -7.16 9.23
C ARG A 12 -3.28 -8.44 8.47
N PRO A 13 -1.99 -8.82 8.47
CA PRO A 13 -1.48 -10.01 7.79
C PRO A 13 -2.25 -11.27 8.17
N GLY A 14 -2.77 -11.95 7.16
CA GLY A 14 -3.54 -13.14 7.40
C GLY A 14 -4.96 -13.00 6.92
N ALA A 15 -5.45 -11.76 6.96
CA ALA A 15 -6.80 -11.47 6.54
C ALA A 15 -6.90 -11.49 5.03
N ILE A 16 -8.05 -11.91 4.52
CA ILE A 16 -8.27 -12.01 3.09
C ILE A 16 -8.64 -10.65 2.52
N ALA A 17 -8.05 -10.32 1.37
CA ALA A 17 -8.25 -9.04 0.71
C ALA A 17 -9.63 -8.98 0.03
N PRO A 18 -10.54 -8.17 0.58
CA PRO A 18 -11.90 -8.02 0.03
C PRO A 18 -11.95 -7.17 -1.22
N LEU A 19 -11.24 -6.04 -1.22
CA LEU A 19 -11.34 -5.06 -2.28
C LEU A 19 -10.12 -5.10 -3.20
N SER A 20 -10.28 -4.52 -4.39
CA SER A 20 -9.22 -4.45 -5.36
C SER A 20 -8.38 -3.20 -5.12
N VAL A 21 -7.45 -3.30 -4.20
CA VAL A 21 -6.67 -2.15 -3.78
C VAL A 21 -5.57 -1.83 -4.78
N VAL A 22 -5.46 -0.56 -5.11
CA VAL A 22 -4.45 -0.08 -6.02
C VAL A 22 -3.63 1.02 -5.35
N ILE A 23 -2.31 0.89 -5.44
CA ILE A 23 -1.39 1.92 -4.98
C ILE A 23 -1.09 2.87 -6.12
N PRO A 24 -1.63 4.08 -6.07
CA PRO A 24 -1.53 5.05 -7.17
C PRO A 24 -0.10 5.46 -7.46
N ALA A 25 0.15 5.72 -8.73
CA ALA A 25 1.44 6.14 -9.20
C ALA A 25 1.67 7.62 -8.87
N HIS A 26 2.00 7.87 -7.62
CA HIS A 26 2.18 9.22 -7.12
C HIS A 26 2.86 9.15 -5.75
N ASN A 27 3.58 10.20 -5.38
CA ASN A 27 4.29 10.22 -4.11
C ASN A 27 3.35 9.94 -2.93
N THR A 28 3.79 9.06 -2.06
CA THR A 28 2.99 8.61 -0.94
C THR A 28 3.16 9.51 0.27
N GLY A 29 4.07 10.47 0.16
CA GLY A 29 4.41 11.32 1.28
C GLY A 29 5.38 10.64 2.22
N LEU A 30 5.81 9.46 1.82
CA LEU A 30 6.71 8.65 2.62
C LEU A 30 8.16 8.89 2.22
N GLY A 31 9.05 8.70 3.17
CA GLY A 31 10.46 8.86 2.90
C GLY A 31 11.00 7.76 2.02
N PRO A 32 12.17 7.96 1.41
CA PRO A 32 12.74 7.02 0.43
C PRO A 32 12.94 5.62 1.02
N GLU A 33 13.17 5.57 2.33
CA GLU A 33 13.37 4.30 3.03
C GLU A 33 12.21 3.32 2.81
N LYS A 34 11.01 3.86 2.65
CA LYS A 34 9.81 3.04 2.55
C LYS A 34 9.79 2.27 1.24
N THR A 35 10.70 2.62 0.34
CA THR A 35 10.79 1.96 -0.95
C THR A 35 11.24 0.53 -0.77
N SER A 36 11.76 0.21 0.42
CA SER A 36 12.08 -1.15 0.77
C SER A 36 10.81 -1.98 0.83
N PHE A 37 9.76 -1.40 1.41
CA PHE A 37 8.46 -2.07 1.51
C PHE A 37 7.80 -2.12 0.14
N PHE A 38 7.89 -1.00 -0.60
CA PHE A 38 7.33 -0.95 -1.94
C PHE A 38 7.98 -2.01 -2.81
N GLN A 39 9.31 -2.08 -2.76
CA GLN A 39 10.06 -3.08 -3.49
C GLN A 39 9.75 -4.48 -2.98
N ALA A 40 9.49 -4.59 -1.68
CA ALA A 40 9.16 -5.87 -1.06
C ALA A 40 7.89 -6.45 -1.64
N LEU A 41 6.95 -5.58 -1.96
CA LEU A 41 5.72 -6.01 -2.62
C LEU A 41 5.83 -5.90 -4.13
N SER A 42 7.07 -5.88 -4.63
CA SER A 42 7.36 -5.88 -6.06
C SER A 42 6.77 -4.66 -6.76
N ILE A 43 7.03 -3.49 -6.21
CA ILE A 43 6.51 -2.26 -6.78
C ILE A 43 7.60 -1.47 -7.50
N PRO A 44 7.30 -1.01 -8.73
CA PRO A 44 8.19 -0.12 -9.48
C PRO A 44 8.21 1.27 -8.87
N THR A 45 9.33 1.64 -8.27
CA THR A 45 9.41 2.86 -7.49
C THR A 45 10.56 3.75 -7.94
N LYS A 46 10.43 5.04 -7.66
CA LYS A 46 11.49 5.99 -7.90
C LYS A 46 11.47 7.07 -6.83
N ILE A 47 12.59 7.75 -6.66
CA ILE A 47 12.66 8.87 -5.74
C ILE A 47 12.57 10.17 -6.53
N SER A 48 11.40 10.78 -6.49
CA SER A 48 11.12 11.95 -7.31
C SER A 48 11.70 13.22 -6.69
N LYS A 49 11.50 13.39 -5.39
CA LYS A 49 11.94 14.60 -4.70
C LYS A 49 12.16 14.35 -3.22
N GLY A 50 13.08 13.43 -2.91
CA GLY A 50 13.37 13.09 -1.52
C GLY A 50 12.29 12.24 -0.89
N THR A 51 11.23 12.00 -1.63
CA THR A 51 10.16 11.13 -1.20
C THR A 51 9.96 10.04 -2.23
N ILE A 52 9.44 8.91 -1.80
CA ILE A 52 9.26 7.77 -2.68
C ILE A 52 7.94 7.88 -3.44
N GLU A 53 8.02 7.72 -4.75
CA GLU A 53 6.85 7.79 -5.61
C GLU A 53 6.76 6.56 -6.50
N ILE A 54 5.53 6.21 -6.81
CA ILE A 54 5.24 5.04 -7.63
C ILE A 54 5.07 5.47 -9.09
N ILE A 55 5.60 4.67 -10.01
CA ILE A 55 5.57 5.03 -11.41
C ILE A 55 4.38 4.38 -12.14
N ASN A 56 4.05 3.17 -11.74
CA ASN A 56 2.90 2.45 -12.30
C ASN A 56 1.93 2.06 -11.21
N ASP A 57 0.66 2.42 -11.37
CA ASP A 57 -0.37 2.12 -10.37
C ASP A 57 -0.41 0.63 -10.08
N VAL A 58 -0.20 0.30 -8.82
CA VAL A 58 0.00 -1.09 -8.42
C VAL A 58 -1.30 -1.73 -7.97
N HIS A 59 -1.65 -2.84 -8.60
CA HIS A 59 -2.73 -3.67 -8.10
C HIS A 59 -2.21 -4.49 -6.93
N ILE A 60 -2.10 -3.84 -5.78
CA ILE A 60 -1.48 -4.44 -4.61
C ILE A 60 -2.34 -5.58 -4.05
N LEU A 61 -3.64 -5.36 -3.92
CA LEU A 61 -4.51 -6.39 -3.40
C LEU A 61 -5.50 -6.85 -4.47
N LYS A 62 -5.87 -8.10 -4.38
CA LYS A 62 -6.87 -8.69 -5.24
C LYS A 62 -7.96 -9.30 -4.38
N PRO A 63 -9.24 -9.01 -4.69
CA PRO A 63 -10.38 -9.61 -3.98
C PRO A 63 -10.31 -11.14 -3.98
N GLY A 64 -9.88 -11.69 -2.87
CA GLY A 64 -9.69 -13.12 -2.76
C GLY A 64 -8.28 -13.49 -2.36
N ASP A 65 -7.38 -12.51 -2.41
CA ASP A 65 -5.99 -12.74 -2.02
C ASP A 65 -5.86 -12.62 -0.50
N LYS A 66 -4.64 -12.72 -0.01
CA LYS A 66 -4.40 -12.74 1.42
C LYS A 66 -3.35 -11.71 1.80
N VAL A 67 -3.79 -10.69 2.54
CA VAL A 67 -2.92 -9.59 2.94
C VAL A 67 -1.73 -10.10 3.76
N GLY A 68 -0.53 -9.80 3.30
CA GLY A 68 0.67 -10.25 3.97
C GLY A 68 1.14 -9.28 5.05
N ALA A 69 2.27 -9.60 5.67
CA ALA A 69 2.81 -8.80 6.76
C ALA A 69 3.30 -7.44 6.28
N SER A 70 4.35 -7.45 5.48
CA SER A 70 4.90 -6.22 4.92
C SER A 70 3.88 -5.57 4.00
N GLU A 71 2.99 -6.38 3.45
CA GLU A 71 1.94 -5.91 2.58
C GLU A 71 0.94 -5.07 3.38
N ALA A 72 0.53 -5.60 4.53
CA ALA A 72 -0.33 -4.86 5.44
C ALA A 72 0.37 -3.57 5.87
N THR A 73 1.65 -3.69 6.20
CA THR A 73 2.45 -2.55 6.59
C THR A 73 2.46 -1.49 5.49
N LEU A 74 2.60 -1.95 4.26
CA LEU A 74 2.61 -1.07 3.10
C LEU A 74 1.28 -0.32 2.99
N LEU A 75 0.18 -1.05 3.12
CA LEU A 75 -1.14 -0.45 3.03
C LEU A 75 -1.43 0.43 4.25
N ASN A 76 -0.72 0.18 5.34
CA ASN A 76 -0.84 1.00 6.54
C ASN A 76 -0.20 2.34 6.28
N MET A 77 0.98 2.31 5.67
CA MET A 77 1.72 3.52 5.37
C MET A 77 1.01 4.33 4.30
N LEU A 78 0.33 3.63 3.41
CA LEU A 78 -0.40 4.25 2.32
C LEU A 78 -1.71 4.86 2.80
N ASN A 79 -2.09 4.53 4.04
CA ASN A 79 -3.35 5.00 4.64
C ASN A 79 -4.54 4.51 3.83
N ILE A 80 -4.34 3.40 3.13
CA ILE A 80 -5.38 2.87 2.26
C ILE A 80 -6.07 1.70 2.95
N SER A 81 -7.39 1.79 3.05
CA SER A 81 -8.18 0.78 3.72
C SER A 81 -8.59 -0.33 2.76
N PRO A 82 -8.07 -1.55 2.96
CA PRO A 82 -8.36 -2.69 2.10
C PRO A 82 -9.72 -3.35 2.41
N PHE A 83 -10.31 -2.96 3.54
CA PHE A 83 -11.59 -3.53 3.94
C PHE A 83 -12.70 -2.50 3.80
N SER A 84 -12.74 -1.53 4.71
CA SER A 84 -13.77 -0.51 4.68
C SER A 84 -13.31 0.74 5.43
N TYR A 85 -13.81 1.89 5.00
CA TYR A 85 -13.52 3.14 5.65
C TYR A 85 -14.81 3.90 5.94
N GLY A 86 -15.02 4.25 7.20
CA GLY A 86 -16.25 4.90 7.58
C GLY A 86 -17.38 3.90 7.80
N MET A 4 -8.96 3.49 11.49
CA MET A 4 -10.17 2.68 11.26
C MET A 4 -11.40 3.33 11.88
N ASN A 5 -11.55 4.62 11.62
CA ASN A 5 -12.70 5.37 12.10
C ASN A 5 -13.08 6.41 11.07
N LYS A 6 -12.11 7.24 10.74
CA LYS A 6 -12.28 8.20 9.67
C LYS A 6 -11.60 7.70 8.41
N VAL A 7 -10.50 6.97 8.58
CA VAL A 7 -9.75 6.44 7.45
C VAL A 7 -8.93 5.22 7.86
N GLN A 8 -8.64 4.36 6.87
CA GLN A 8 -7.73 3.23 7.03
C GLN A 8 -8.27 2.17 7.98
N ALA A 9 -8.94 1.18 7.42
CA ALA A 9 -9.30 -0.02 8.15
C ALA A 9 -8.04 -0.78 8.55
N PRO A 10 -8.11 -1.59 9.62
CA PRO A 10 -6.94 -2.31 10.13
C PRO A 10 -6.36 -3.29 9.12
N ALA A 11 -5.25 -2.89 8.50
CA ALA A 11 -4.54 -3.76 7.57
C ALA A 11 -3.73 -4.77 8.35
N ARG A 12 -4.21 -5.99 8.39
CA ARG A 12 -3.58 -7.01 9.20
C ARG A 12 -3.29 -8.27 8.38
N PRO A 13 -2.03 -8.73 8.42
CA PRO A 13 -1.61 -9.95 7.72
C PRO A 13 -2.38 -11.18 8.17
N GLY A 14 -3.04 -11.82 7.22
CA GLY A 14 -3.87 -12.96 7.55
C GLY A 14 -5.30 -12.74 7.12
N ALA A 15 -5.68 -11.48 6.98
CA ALA A 15 -7.00 -11.12 6.53
C ALA A 15 -7.11 -11.28 5.02
N ILE A 16 -8.27 -11.73 4.55
CA ILE A 16 -8.49 -11.95 3.14
C ILE A 16 -8.85 -10.64 2.44
N ALA A 17 -8.16 -10.34 1.35
CA ALA A 17 -8.34 -9.10 0.62
C ALA A 17 -9.69 -9.06 -0.09
N PRO A 18 -10.61 -8.20 0.37
CA PRO A 18 -11.94 -8.06 -0.20
C PRO A 18 -11.96 -7.26 -1.50
N LEU A 19 -11.13 -6.22 -1.55
CA LEU A 19 -11.17 -5.27 -2.65
C LEU A 19 -9.90 -5.33 -3.49
N SER A 20 -9.98 -4.82 -4.70
CA SER A 20 -8.84 -4.72 -5.58
C SER A 20 -8.11 -3.41 -5.32
N VAL A 21 -7.31 -3.42 -4.28
CA VAL A 21 -6.62 -2.21 -3.84
C VAL A 21 -5.46 -1.87 -4.78
N VAL A 22 -5.37 -0.60 -5.13
CA VAL A 22 -4.36 -0.13 -6.04
C VAL A 22 -3.55 1.01 -5.43
N ILE A 23 -2.24 0.83 -5.35
CA ILE A 23 -1.33 1.87 -4.89
C ILE A 23 -1.05 2.82 -6.06
N PRO A 24 -1.60 4.05 -6.00
CA PRO A 24 -1.56 4.99 -7.14
C PRO A 24 -0.17 5.47 -7.49
N ALA A 25 0.02 5.67 -8.77
CA ALA A 25 1.27 6.16 -9.31
C ALA A 25 1.47 7.64 -9.02
N HIS A 26 1.70 7.96 -7.75
CA HIS A 26 1.77 9.33 -7.28
C HIS A 26 2.64 9.37 -6.03
N ASN A 27 2.74 10.54 -5.42
CA ASN A 27 3.44 10.68 -4.15
C ASN A 27 2.76 9.88 -3.07
N THR A 28 3.55 9.20 -2.25
CA THR A 28 3.02 8.40 -1.16
C THR A 28 3.10 9.17 0.16
N GLY A 29 3.88 10.24 0.15
CA GLY A 29 4.11 11.00 1.36
C GLY A 29 5.11 10.31 2.27
N LEU A 30 5.69 9.24 1.76
CA LEU A 30 6.64 8.44 2.52
C LEU A 30 8.07 8.79 2.13
N GLY A 31 8.98 8.60 3.08
CA GLY A 31 10.39 8.83 2.83
C GLY A 31 10.98 7.76 1.94
N PRO A 32 12.19 7.97 1.42
CA PRO A 32 12.79 7.07 0.44
C PRO A 32 12.99 5.65 1.00
N GLU A 33 13.17 5.56 2.31
CA GLU A 33 13.41 4.28 2.98
C GLU A 33 12.24 3.31 2.80
N LYS A 34 11.07 3.83 2.52
CA LYS A 34 9.88 3.01 2.40
C LYS A 34 9.86 2.27 1.07
N THR A 35 10.81 2.60 0.21
CA THR A 35 10.91 1.97 -1.09
C THR A 35 11.30 0.50 -0.91
N SER A 36 11.88 0.18 0.24
CA SER A 36 12.19 -1.19 0.57
C SER A 36 10.90 -2.00 0.70
N PHE A 37 9.88 -1.39 1.29
CA PHE A 37 8.57 -2.03 1.45
C PHE A 37 7.87 -2.12 0.10
N PHE A 38 7.95 -1.03 -0.68
CA PHE A 38 7.35 -1.01 -2.00
C PHE A 38 7.99 -2.09 -2.87
N GLN A 39 9.32 -2.12 -2.86
CA GLN A 39 10.07 -3.14 -3.59
C GLN A 39 9.78 -4.53 -3.03
N ALA A 40 9.52 -4.59 -1.73
CA ALA A 40 9.20 -5.85 -1.07
C ALA A 40 7.92 -6.44 -1.64
N LEU A 41 6.97 -5.57 -1.98
CA LEU A 41 5.75 -6.03 -2.61
C LEU A 41 5.83 -5.90 -4.14
N SER A 42 7.05 -5.98 -4.66
CA SER A 42 7.31 -5.98 -6.11
C SER A 42 6.71 -4.75 -6.78
N ILE A 43 7.02 -3.57 -6.24
CA ILE A 43 6.45 -2.33 -6.76
C ILE A 43 7.49 -1.51 -7.51
N PRO A 44 7.10 -0.96 -8.69
CA PRO A 44 7.96 -0.06 -9.46
C PRO A 44 7.97 1.35 -8.87
N THR A 45 9.12 1.73 -8.32
CA THR A 45 9.20 2.98 -7.58
C THR A 45 10.31 3.88 -8.13
N LYS A 46 10.26 5.14 -7.75
CA LYS A 46 11.34 6.07 -8.00
C LYS A 46 11.30 7.18 -6.95
N ILE A 47 12.45 7.73 -6.61
CA ILE A 47 12.51 8.84 -5.69
C ILE A 47 12.28 10.14 -6.45
N SER A 48 11.19 10.82 -6.11
CA SER A 48 10.81 12.04 -6.80
C SER A 48 11.75 13.19 -6.44
N LYS A 49 12.23 13.16 -5.21
CA LYS A 49 13.19 14.15 -4.73
C LYS A 49 13.76 13.69 -3.40
N GLY A 50 12.92 13.73 -2.38
CA GLY A 50 13.29 13.20 -1.08
C GLY A 50 12.20 12.29 -0.55
N THR A 51 11.24 12.00 -1.41
CA THR A 51 10.15 11.10 -1.09
C THR A 51 10.01 10.05 -2.17
N ILE A 52 9.47 8.90 -1.81
CA ILE A 52 9.30 7.81 -2.75
C ILE A 52 7.96 7.94 -3.46
N GLU A 53 7.99 7.88 -4.78
CA GLU A 53 6.79 7.98 -5.59
C GLU A 53 6.62 6.72 -6.43
N ILE A 54 5.37 6.41 -6.73
CA ILE A 54 5.00 5.24 -7.51
C ILE A 54 4.91 5.62 -8.98
N ILE A 55 5.48 4.79 -9.87
CA ILE A 55 5.48 5.10 -11.28
C ILE A 55 4.32 4.45 -12.03
N ASN A 56 3.99 3.23 -11.64
CA ASN A 56 2.88 2.50 -12.23
C ASN A 56 1.91 2.08 -11.15
N ASP A 57 0.62 2.29 -11.38
CA ASP A 57 -0.41 1.97 -10.41
C ASP A 57 -0.36 0.49 -10.05
N VAL A 58 -0.13 0.21 -8.77
CA VAL A 58 0.13 -1.14 -8.32
C VAL A 58 -1.14 -1.86 -7.94
N HIS A 59 -1.33 -3.06 -8.46
CA HIS A 59 -2.42 -3.92 -8.04
C HIS A 59 -1.98 -4.70 -6.81
N ILE A 60 -1.94 -3.99 -5.69
CA ILE A 60 -1.37 -4.53 -4.46
C ILE A 60 -2.26 -5.63 -3.86
N LEU A 61 -3.56 -5.36 -3.75
CA LEU A 61 -4.49 -6.38 -3.26
C LEU A 61 -5.42 -6.83 -4.35
N LYS A 62 -5.81 -8.08 -4.26
CA LYS A 62 -6.71 -8.68 -5.21
C LYS A 62 -7.85 -9.34 -4.44
N PRO A 63 -9.10 -9.07 -4.84
CA PRO A 63 -10.27 -9.68 -4.20
C PRO A 63 -10.18 -11.20 -4.18
N GLY A 64 -9.89 -11.75 -3.01
CA GLY A 64 -9.72 -13.19 -2.87
C GLY A 64 -8.30 -13.55 -2.47
N ASP A 65 -7.44 -12.54 -2.37
CA ASP A 65 -6.06 -12.73 -1.96
C ASP A 65 -5.98 -12.66 -0.43
N LYS A 66 -4.77 -12.74 0.10
CA LYS A 66 -4.58 -12.74 1.54
C LYS A 66 -3.49 -11.74 1.91
N VAL A 67 -3.91 -10.68 2.59
CA VAL A 67 -3.01 -9.58 2.97
C VAL A 67 -1.79 -10.11 3.74
N GLY A 68 -0.60 -9.77 3.25
CA GLY A 68 0.63 -10.23 3.87
C GLY A 68 1.11 -9.32 4.97
N ALA A 69 2.27 -9.63 5.55
CA ALA A 69 2.81 -8.88 6.68
C ALA A 69 3.29 -7.50 6.28
N SER A 70 4.38 -7.44 5.52
CA SER A 70 4.90 -6.17 5.06
C SER A 70 3.94 -5.55 4.05
N GLU A 71 3.09 -6.39 3.47
CA GLU A 71 2.03 -5.92 2.59
C GLU A 71 1.03 -5.09 3.40
N ALA A 72 0.61 -5.64 4.54
CA ALA A 72 -0.25 -4.92 5.46
C ALA A 72 0.41 -3.64 5.92
N THR A 73 1.68 -3.74 6.29
CA THR A 73 2.46 -2.59 6.71
C THR A 73 2.50 -1.52 5.62
N LEU A 74 2.64 -1.97 4.38
CA LEU A 74 2.66 -1.07 3.23
C LEU A 74 1.33 -0.34 3.09
N LEU A 75 0.25 -1.11 3.11
CA LEU A 75 -1.10 -0.56 3.01
C LEU A 75 -1.42 0.31 4.22
N ASN A 76 -0.72 0.06 5.31
CA ASN A 76 -0.88 0.82 6.55
C ASN A 76 -0.22 2.17 6.39
N MET A 77 0.96 2.18 5.79
CA MET A 77 1.71 3.41 5.58
C MET A 77 1.03 4.27 4.53
N LEU A 78 0.38 3.62 3.58
CA LEU A 78 -0.34 4.30 2.50
C LEU A 78 -1.68 4.84 2.98
N ASN A 79 -2.07 4.43 4.20
CA ASN A 79 -3.41 4.67 4.75
C ASN A 79 -4.49 4.42 3.68
N ILE A 80 -4.22 3.41 2.87
CA ILE A 80 -4.95 3.21 1.62
C ILE A 80 -6.34 2.63 1.86
N SER A 81 -6.58 2.15 3.08
CA SER A 81 -7.86 1.58 3.46
C SER A 81 -8.21 0.36 2.60
N PRO A 82 -7.51 -0.77 2.81
CA PRO A 82 -7.68 -1.97 1.97
C PRO A 82 -8.97 -2.74 2.26
N PHE A 83 -9.72 -2.29 3.27
CA PHE A 83 -10.97 -2.93 3.63
C PHE A 83 -12.09 -1.90 3.63
N SER A 84 -11.93 -0.92 4.51
CA SER A 84 -12.87 0.18 4.62
C SER A 84 -12.16 1.39 5.20
N TYR A 85 -12.90 2.43 5.54
CA TYR A 85 -12.31 3.60 6.18
C TYR A 85 -12.51 3.52 7.68
N GLY A 86 -13.66 2.99 8.08
CA GLY A 86 -13.93 2.80 9.49
C GLY A 86 -14.57 1.46 9.76
N MET A 4 -17.05 10.94 6.20
CA MET A 4 -15.83 10.10 6.31
C MET A 4 -15.27 10.16 7.72
N ASN A 5 -14.86 9.03 8.23
CA ASN A 5 -14.29 8.95 9.58
C ASN A 5 -13.44 7.70 9.73
N LYS A 6 -12.12 7.89 9.73
CA LYS A 6 -11.17 6.78 9.92
C LYS A 6 -11.41 5.69 8.88
N VAL A 7 -11.40 6.08 7.60
CA VAL A 7 -11.78 5.17 6.53
C VAL A 7 -10.74 4.08 6.29
N GLN A 8 -9.53 4.26 6.81
CA GLN A 8 -8.49 3.25 6.68
C GLN A 8 -8.79 2.06 7.59
N ALA A 9 -9.34 1.02 7.00
CA ALA A 9 -9.67 -0.20 7.71
C ALA A 9 -8.41 -0.89 8.20
N PRO A 10 -8.50 -1.59 9.34
CA PRO A 10 -7.36 -2.29 9.95
C PRO A 10 -6.74 -3.33 9.03
N ALA A 11 -5.68 -2.93 8.34
CA ALA A 11 -4.94 -3.84 7.47
C ALA A 11 -4.05 -4.73 8.29
N ARG A 12 -4.44 -5.98 8.42
CA ARG A 12 -3.72 -6.90 9.26
C ARG A 12 -3.42 -8.20 8.51
N PRO A 13 -2.14 -8.61 8.52
CA PRO A 13 -1.68 -9.83 7.83
C PRO A 13 -2.42 -11.08 8.29
N GLY A 14 -3.11 -11.71 7.35
CA GLY A 14 -3.88 -12.90 7.67
C GLY A 14 -5.32 -12.74 7.24
N ALA A 15 -5.73 -11.49 7.08
CA ALA A 15 -7.08 -11.19 6.64
C ALA A 15 -7.17 -11.29 5.12
N ILE A 16 -8.37 -11.57 4.63
CA ILE A 16 -8.59 -11.74 3.20
C ILE A 16 -8.87 -10.40 2.54
N ALA A 17 -8.22 -10.18 1.39
CA ALA A 17 -8.39 -8.95 0.63
C ALA A 17 -9.71 -8.95 -0.11
N PRO A 18 -10.65 -8.10 0.32
CA PRO A 18 -11.99 -8.01 -0.28
C PRO A 18 -12.00 -7.25 -1.61
N LEU A 19 -11.20 -6.20 -1.69
CA LEU A 19 -11.26 -5.29 -2.83
C LEU A 19 -9.95 -5.29 -3.62
N SER A 20 -10.01 -4.69 -4.80
CA SER A 20 -8.84 -4.58 -5.67
C SER A 20 -8.08 -3.30 -5.32
N VAL A 21 -7.31 -3.37 -4.25
CA VAL A 21 -6.58 -2.22 -3.78
C VAL A 21 -5.46 -1.84 -4.74
N VAL A 22 -5.36 -0.57 -5.03
CA VAL A 22 -4.34 -0.06 -5.93
C VAL A 22 -3.52 1.02 -5.23
N ILE A 23 -2.21 0.88 -5.33
CA ILE A 23 -1.29 1.91 -4.83
C ILE A 23 -1.03 2.90 -5.96
N PRO A 24 -1.68 4.08 -5.91
CA PRO A 24 -1.68 5.05 -7.01
C PRO A 24 -0.31 5.59 -7.37
N ALA A 25 -0.11 5.77 -8.66
CA ALA A 25 1.13 6.23 -9.22
C ALA A 25 1.40 7.71 -8.95
N HIS A 26 1.97 7.97 -7.78
CA HIS A 26 2.42 9.30 -7.40
C HIS A 26 3.12 9.22 -6.04
N ASN A 27 3.61 10.33 -5.55
CA ASN A 27 4.24 10.37 -4.23
C ASN A 27 3.29 9.87 -3.16
N THR A 28 3.80 9.03 -2.27
CA THR A 28 2.99 8.48 -1.20
C THR A 28 3.13 9.31 0.07
N GLY A 29 4.01 10.30 0.00
CA GLY A 29 4.29 11.11 1.17
C GLY A 29 5.25 10.43 2.11
N LEU A 30 5.71 9.26 1.70
CA LEU A 30 6.63 8.47 2.49
C LEU A 30 8.06 8.76 2.08
N GLY A 31 8.98 8.63 3.02
CA GLY A 31 10.38 8.83 2.72
C GLY A 31 10.93 7.70 1.87
N PRO A 32 12.09 7.92 1.23
CA PRO A 32 12.69 6.94 0.32
C PRO A 32 12.86 5.57 0.95
N GLU A 33 13.03 5.53 2.27
CA GLU A 33 13.24 4.29 3.00
C GLU A 33 12.13 3.27 2.76
N LYS A 34 10.92 3.75 2.55
CA LYS A 34 9.75 2.87 2.42
C LYS A 34 9.79 2.11 1.11
N THR A 35 10.73 2.48 0.25
CA THR A 35 10.86 1.85 -1.05
C THR A 35 11.27 0.39 -0.88
N SER A 36 11.86 0.07 0.27
CA SER A 36 12.20 -1.30 0.59
C SER A 36 10.93 -2.13 0.69
N PHE A 37 9.89 -1.55 1.28
CA PHE A 37 8.60 -2.22 1.40
C PHE A 37 7.90 -2.29 0.05
N PHE A 38 7.95 -1.19 -0.70
CA PHE A 38 7.34 -1.15 -2.02
C PHE A 38 7.99 -2.21 -2.90
N GLN A 39 9.32 -2.23 -2.90
CA GLN A 39 10.09 -3.19 -3.66
C GLN A 39 9.89 -4.61 -3.13
N ALA A 40 9.62 -4.72 -1.83
CA ALA A 40 9.33 -6.00 -1.21
C ALA A 40 8.07 -6.60 -1.83
N LEU A 41 7.08 -5.74 -2.08
CA LEU A 41 5.86 -6.18 -2.74
C LEU A 41 5.97 -6.00 -4.27
N SER A 42 7.21 -5.98 -4.75
CA SER A 42 7.50 -5.93 -6.19
C SER A 42 6.89 -4.71 -6.86
N ILE A 43 7.13 -3.54 -6.28
CA ILE A 43 6.58 -2.31 -6.81
C ILE A 43 7.64 -1.47 -7.51
N PRO A 44 7.32 -0.96 -8.73
CA PRO A 44 8.21 -0.06 -9.47
C PRO A 44 8.24 1.31 -8.81
N THR A 45 9.43 1.73 -8.37
CA THR A 45 9.55 2.93 -7.55
C THR A 45 10.55 3.92 -8.10
N LYS A 46 10.29 5.19 -7.85
CA LYS A 46 11.21 6.27 -8.21
C LYS A 46 11.07 7.42 -7.21
N ILE A 47 12.18 8.01 -6.84
CA ILE A 47 12.19 9.07 -5.84
C ILE A 47 11.81 10.42 -6.47
N SER A 48 10.75 11.01 -5.94
CA SER A 48 10.24 12.26 -6.45
C SER A 48 11.12 13.43 -5.98
N LYS A 49 11.13 13.68 -4.68
CA LYS A 49 12.01 14.68 -4.09
C LYS A 49 12.20 14.40 -2.60
N GLY A 50 13.11 13.48 -2.30
CA GLY A 50 13.28 13.03 -0.93
C GLY A 50 12.09 12.22 -0.46
N THR A 51 11.31 11.77 -1.43
CA THR A 51 10.11 11.00 -1.17
C THR A 51 10.01 9.88 -2.19
N ILE A 52 9.42 8.78 -1.81
CA ILE A 52 9.27 7.66 -2.71
C ILE A 52 7.94 7.79 -3.46
N GLU A 53 8.02 7.76 -4.78
CA GLU A 53 6.84 7.87 -5.62
C GLU A 53 6.62 6.60 -6.42
N ILE A 54 5.36 6.33 -6.68
CA ILE A 54 4.94 5.19 -7.46
C ILE A 54 4.82 5.59 -8.92
N ILE A 55 5.39 4.79 -9.82
CA ILE A 55 5.41 5.13 -11.22
C ILE A 55 4.28 4.45 -11.99
N ASN A 56 3.99 3.21 -11.62
CA ASN A 56 2.88 2.46 -12.20
C ASN A 56 1.89 2.09 -11.12
N ASP A 57 0.61 2.41 -11.33
CA ASP A 57 -0.44 2.09 -10.36
C ASP A 57 -0.42 0.61 -10.02
N VAL A 58 -0.15 0.29 -8.78
CA VAL A 58 0.08 -1.09 -8.37
C VAL A 58 -1.22 -1.79 -7.99
N HIS A 59 -1.43 -2.96 -8.56
CA HIS A 59 -2.54 -3.82 -8.14
C HIS A 59 -2.09 -4.62 -6.93
N ILE A 60 -2.00 -3.95 -5.80
CA ILE A 60 -1.41 -4.55 -4.60
C ILE A 60 -2.28 -5.69 -4.07
N LEU A 61 -3.56 -5.43 -3.81
CA LEU A 61 -4.45 -6.47 -3.30
C LEU A 61 -5.43 -6.91 -4.35
N LYS A 62 -5.85 -8.17 -4.23
CA LYS A 62 -6.81 -8.76 -5.15
C LYS A 62 -7.91 -9.43 -4.35
N PRO A 63 -9.18 -9.18 -4.72
CA PRO A 63 -10.34 -9.83 -4.08
C PRO A 63 -10.18 -11.35 -4.02
N GLY A 64 -9.87 -11.85 -2.84
CA GLY A 64 -9.69 -13.28 -2.66
C GLY A 64 -8.28 -13.62 -2.18
N ASP A 65 -7.39 -12.64 -2.25
CA ASP A 65 -6.03 -12.82 -1.79
C ASP A 65 -5.97 -12.63 -0.28
N LYS A 66 -4.80 -12.75 0.31
CA LYS A 66 -4.66 -12.63 1.75
C LYS A 66 -3.56 -11.63 2.07
N VAL A 67 -3.96 -10.54 2.73
CA VAL A 67 -3.06 -9.46 3.08
C VAL A 67 -1.84 -9.99 3.83
N GLY A 68 -0.65 -9.70 3.29
CA GLY A 68 0.59 -10.18 3.88
C GLY A 68 1.09 -9.31 5.02
N ALA A 69 2.23 -9.67 5.59
CA ALA A 69 2.79 -8.96 6.73
C ALA A 69 3.31 -7.59 6.33
N SER A 70 4.40 -7.56 5.58
CA SER A 70 4.98 -6.32 5.12
C SER A 70 4.05 -5.65 4.11
N GLU A 71 3.17 -6.47 3.52
CA GLU A 71 2.15 -5.97 2.61
C GLU A 71 1.15 -5.12 3.39
N ALA A 72 0.72 -5.61 4.55
CA ALA A 72 -0.15 -4.84 5.43
C ALA A 72 0.57 -3.60 5.93
N THR A 73 1.83 -3.78 6.32
CA THR A 73 2.67 -2.66 6.75
C THR A 73 2.72 -1.60 5.65
N LEU A 74 2.95 -2.07 4.43
CA LEU A 74 2.98 -1.21 3.26
C LEU A 74 1.70 -0.40 3.14
N LEU A 75 0.57 -1.10 3.01
CA LEU A 75 -0.74 -0.44 2.84
C LEU A 75 -1.07 0.47 4.02
N ASN A 76 -0.52 0.17 5.18
CA ASN A 76 -0.71 1.00 6.36
C ASN A 76 0.01 2.31 6.18
N MET A 77 1.23 2.21 5.66
CA MET A 77 2.04 3.38 5.40
C MET A 77 1.43 4.20 4.27
N LEU A 78 0.78 3.50 3.34
CA LEU A 78 0.08 4.16 2.24
C LEU A 78 -1.15 4.90 2.73
N ASN A 79 -1.62 4.49 3.91
CA ASN A 79 -2.83 5.03 4.52
C ASN A 79 -4.04 4.67 3.66
N ILE A 80 -3.90 3.57 2.94
CA ILE A 80 -4.95 3.10 2.04
C ILE A 80 -5.80 2.03 2.73
N SER A 81 -7.10 2.11 2.52
CA SER A 81 -8.02 1.16 3.12
C SER A 81 -8.19 -0.05 2.21
N PRO A 82 -7.76 -1.24 2.65
CA PRO A 82 -7.96 -2.47 1.91
C PRO A 82 -9.32 -3.10 2.16
N PHE A 83 -10.03 -2.58 3.15
CA PHE A 83 -11.36 -3.07 3.49
C PHE A 83 -12.37 -1.92 3.37
N SER A 84 -13.11 -1.67 4.44
CA SER A 84 -14.09 -0.58 4.43
C SER A 84 -13.64 0.59 5.29
N TYR A 85 -13.69 0.43 6.61
CA TYR A 85 -13.30 1.51 7.52
C TYR A 85 -12.71 0.94 8.80
N GLY A 86 -12.10 1.79 9.61
CA GLY A 86 -11.46 1.35 10.83
C GLY A 86 -12.19 1.84 12.06
N MET A 4 -11.17 3.64 10.21
CA MET A 4 -12.13 4.00 11.28
C MET A 4 -11.84 5.40 11.80
N ASN A 5 -11.46 6.31 10.90
CA ASN A 5 -11.13 7.68 11.31
C ASN A 5 -11.14 8.59 10.10
N LYS A 6 -10.29 8.30 9.13
CA LYS A 6 -10.27 9.04 7.89
C LYS A 6 -10.76 8.16 6.74
N VAL A 7 -9.93 7.20 6.33
CA VAL A 7 -10.28 6.28 5.25
C VAL A 7 -9.41 5.03 5.29
N GLN A 8 -9.24 4.45 6.47
CA GLN A 8 -8.36 3.29 6.59
C GLN A 8 -8.92 2.25 7.55
N ALA A 9 -9.15 1.06 7.02
CA ALA A 9 -9.58 -0.08 7.81
C ALA A 9 -8.35 -0.82 8.33
N PRO A 10 -8.52 -1.66 9.38
CA PRO A 10 -7.38 -2.33 10.03
C PRO A 10 -6.74 -3.39 9.14
N ALA A 11 -5.70 -2.99 8.41
CA ALA A 11 -4.97 -3.91 7.57
C ALA A 11 -4.03 -4.77 8.40
N ARG A 12 -4.38 -6.03 8.53
CA ARG A 12 -3.60 -6.93 9.33
C ARG A 12 -3.28 -8.21 8.55
N PRO A 13 -1.99 -8.56 8.49
CA PRO A 13 -1.51 -9.76 7.78
C PRO A 13 -2.22 -11.03 8.22
N GLY A 14 -2.94 -11.63 7.29
CA GLY A 14 -3.70 -12.82 7.61
C GLY A 14 -5.13 -12.72 7.13
N ALA A 15 -5.60 -11.49 7.04
CA ALA A 15 -6.96 -11.22 6.56
C ALA A 15 -7.04 -11.34 5.06
N ILE A 16 -8.21 -11.70 4.56
CA ILE A 16 -8.41 -11.87 3.12
C ILE A 16 -8.77 -10.54 2.48
N ALA A 17 -8.08 -10.21 1.39
CA ALA A 17 -8.31 -8.99 0.64
C ALA A 17 -9.65 -9.03 -0.08
N PRO A 18 -10.61 -8.21 0.37
CA PRO A 18 -11.94 -8.14 -0.22
C PRO A 18 -12.00 -7.28 -1.49
N LEU A 19 -11.11 -6.28 -1.58
CA LEU A 19 -11.16 -5.33 -2.70
C LEU A 19 -9.91 -5.42 -3.55
N SER A 20 -10.02 -4.92 -4.79
CA SER A 20 -8.88 -4.80 -5.69
C SER A 20 -8.13 -3.51 -5.40
N VAL A 21 -7.45 -3.48 -4.27
CA VAL A 21 -6.76 -2.29 -3.81
C VAL A 21 -5.64 -1.91 -4.77
N VAL A 22 -5.54 -0.62 -5.06
CA VAL A 22 -4.52 -0.11 -5.94
C VAL A 22 -3.70 0.98 -5.26
N ILE A 23 -2.38 0.86 -5.34
CA ILE A 23 -1.48 1.89 -4.86
C ILE A 23 -1.23 2.89 -5.99
N PRO A 24 -1.82 4.09 -5.89
CA PRO A 24 -1.77 5.10 -6.94
C PRO A 24 -0.36 5.58 -7.23
N ALA A 25 -0.09 5.77 -8.51
CA ALA A 25 1.23 6.15 -8.98
C ALA A 25 1.53 7.63 -8.72
N HIS A 26 1.97 7.92 -7.52
CA HIS A 26 2.39 9.26 -7.13
C HIS A 26 3.13 9.20 -5.81
N ASN A 27 3.77 10.31 -5.43
CA ASN A 27 4.47 10.37 -4.15
C ASN A 27 3.54 10.02 -2.99
N THR A 28 4.04 9.21 -2.09
CA THR A 28 3.25 8.74 -0.96
C THR A 28 3.48 9.60 0.27
N GLY A 29 4.39 10.57 0.14
CA GLY A 29 4.73 11.42 1.26
C GLY A 29 5.58 10.70 2.28
N LEU A 30 5.97 9.49 1.94
CA LEU A 30 6.77 8.67 2.82
C LEU A 30 8.25 8.86 2.54
N GLY A 31 9.06 8.57 3.55
CA GLY A 31 10.50 8.64 3.40
C GLY A 31 10.99 7.66 2.36
N PRO A 32 12.10 7.97 1.68
CA PRO A 32 12.61 7.15 0.57
C PRO A 32 12.84 5.69 0.96
N GLU A 33 13.11 5.46 2.24
CA GLU A 33 13.40 4.12 2.76
C GLU A 33 12.22 3.16 2.55
N LYS A 34 11.02 3.71 2.46
CA LYS A 34 9.82 2.89 2.33
C LYS A 34 9.79 2.16 1.00
N THR A 35 10.72 2.52 0.12
CA THR A 35 10.82 1.87 -1.18
C THR A 35 11.22 0.42 -1.00
N SER A 36 11.81 0.10 0.14
CA SER A 36 12.13 -1.27 0.47
C SER A 36 10.84 -2.09 0.63
N PHE A 37 9.81 -1.45 1.16
CA PHE A 37 8.50 -2.09 1.33
C PHE A 37 7.79 -2.17 -0.02
N PHE A 38 7.83 -1.07 -0.77
CA PHE A 38 7.23 -1.04 -2.09
C PHE A 38 7.87 -2.12 -2.98
N GLN A 39 9.19 -2.13 -2.99
CA GLN A 39 9.95 -3.12 -3.73
C GLN A 39 9.71 -4.52 -3.17
N ALA A 40 9.46 -4.59 -1.86
CA ALA A 40 9.14 -5.86 -1.21
C ALA A 40 7.90 -6.46 -1.83
N LEU A 41 6.93 -5.62 -2.15
CA LEU A 41 5.72 -6.08 -2.82
C LEU A 41 5.85 -5.95 -4.34
N SER A 42 7.09 -5.97 -4.83
CA SER A 42 7.38 -5.97 -6.26
C SER A 42 6.81 -4.74 -6.97
N ILE A 43 6.92 -3.59 -6.33
CA ILE A 43 6.35 -2.37 -6.88
C ILE A 43 7.41 -1.54 -7.62
N PRO A 44 7.07 -1.06 -8.84
CA PRO A 44 7.94 -0.17 -9.60
C PRO A 44 7.97 1.23 -9.00
N THR A 45 9.06 1.58 -8.36
CA THR A 45 9.15 2.83 -7.63
C THR A 45 10.32 3.69 -8.08
N LYS A 46 10.32 4.92 -7.57
CA LYS A 46 11.43 5.84 -7.77
C LYS A 46 11.30 6.99 -6.77
N ILE A 47 12.37 7.74 -6.58
CA ILE A 47 12.34 8.87 -5.66
C ILE A 47 12.20 10.17 -6.45
N SER A 48 11.18 10.96 -6.10
CA SER A 48 10.95 12.23 -6.76
C SER A 48 11.99 13.27 -6.34
N LYS A 49 12.26 13.32 -5.04
CA LYS A 49 13.25 14.22 -4.50
C LYS A 49 13.62 13.79 -3.09
N GLY A 50 12.62 13.74 -2.22
CA GLY A 50 12.83 13.27 -0.86
C GLY A 50 11.73 12.34 -0.41
N THR A 51 10.83 12.01 -1.31
CA THR A 51 9.75 11.09 -1.02
C THR A 51 9.68 10.01 -2.09
N ILE A 52 9.24 8.83 -1.70
CA ILE A 52 9.17 7.72 -2.63
C ILE A 52 7.85 7.77 -3.40
N GLU A 53 7.95 7.65 -4.72
CA GLU A 53 6.80 7.71 -5.60
C GLU A 53 6.66 6.42 -6.40
N ILE A 54 5.42 6.10 -6.72
CA ILE A 54 5.10 4.95 -7.53
C ILE A 54 4.89 5.40 -8.97
N ILE A 55 5.43 4.64 -9.92
CA ILE A 55 5.38 5.03 -11.31
C ILE A 55 4.21 4.39 -12.05
N ASN A 56 3.89 3.16 -11.67
CA ASN A 56 2.77 2.44 -12.26
C ASN A 56 1.79 2.03 -11.18
N ASP A 57 0.52 2.42 -11.34
CA ASP A 57 -0.52 2.09 -10.37
C ASP A 57 -0.53 0.59 -10.08
N VAL A 58 -0.37 0.26 -8.80
CA VAL A 58 -0.13 -1.11 -8.40
C VAL A 58 -1.40 -1.83 -7.99
N HIS A 59 -1.60 -3.02 -8.56
CA HIS A 59 -2.63 -3.91 -8.07
C HIS A 59 -2.13 -4.61 -6.81
N ILE A 60 -2.02 -3.85 -5.73
CA ILE A 60 -1.42 -4.35 -4.51
C ILE A 60 -2.23 -5.52 -3.92
N LEU A 61 -3.54 -5.35 -3.80
CA LEU A 61 -4.38 -6.42 -3.29
C LEU A 61 -5.31 -6.96 -4.37
N LYS A 62 -5.73 -8.19 -4.17
CA LYS A 62 -6.65 -8.84 -5.09
C LYS A 62 -7.75 -9.49 -4.27
N PRO A 63 -9.02 -9.29 -4.66
CA PRO A 63 -10.17 -9.90 -3.99
C PRO A 63 -10.05 -11.42 -3.93
N GLY A 64 -9.55 -11.92 -2.81
CA GLY A 64 -9.33 -13.34 -2.64
C GLY A 64 -7.93 -13.65 -2.15
N ASP A 65 -7.05 -12.66 -2.22
CA ASP A 65 -5.68 -12.83 -1.77
C ASP A 65 -5.58 -12.60 -0.26
N LYS A 66 -4.59 -13.20 0.37
CA LYS A 66 -4.40 -13.06 1.80
C LYS A 66 -3.37 -11.99 2.10
N VAL A 67 -3.84 -10.84 2.60
CA VAL A 67 -2.98 -9.70 2.92
C VAL A 67 -1.72 -10.12 3.70
N GLY A 68 -0.55 -9.78 3.15
CA GLY A 68 0.71 -10.15 3.77
C GLY A 68 1.17 -9.18 4.85
N ALA A 69 2.32 -9.47 5.44
CA ALA A 69 2.87 -8.67 6.54
C ALA A 69 3.34 -7.30 6.05
N SER A 70 4.41 -7.30 5.27
CA SER A 70 4.96 -6.07 4.72
C SER A 70 3.93 -5.40 3.83
N GLU A 71 3.03 -6.22 3.30
CA GLU A 71 1.96 -5.76 2.44
C GLU A 71 0.95 -4.95 3.24
N ALA A 72 0.51 -5.50 4.38
CA ALA A 72 -0.39 -4.79 5.28
C ALA A 72 0.26 -3.51 5.76
N THR A 73 1.53 -3.61 6.14
CA THR A 73 2.30 -2.45 6.57
C THR A 73 2.35 -1.40 5.47
N LEU A 74 2.53 -1.86 4.24
CA LEU A 74 2.58 -0.98 3.08
C LEU A 74 1.26 -0.22 2.93
N LEU A 75 0.16 -0.95 2.99
CA LEU A 75 -1.17 -0.34 2.87
C LEU A 75 -1.44 0.61 4.03
N ASN A 76 -0.86 0.31 5.19
CA ASN A 76 -1.00 1.14 6.38
C ASN A 76 -0.27 2.44 6.19
N MET A 77 0.93 2.35 5.63
CA MET A 77 1.75 3.52 5.41
C MET A 77 1.16 4.38 4.29
N LEU A 78 0.46 3.71 3.37
CA LEU A 78 -0.17 4.38 2.23
C LEU A 78 -1.47 5.05 2.64
N ASN A 79 -1.97 4.67 3.82
CA ASN A 79 -3.25 5.19 4.33
C ASN A 79 -4.39 4.74 3.43
N ILE A 80 -4.23 3.56 2.84
CA ILE A 80 -5.22 3.03 1.93
C ILE A 80 -5.99 1.90 2.60
N SER A 81 -7.31 1.95 2.51
CA SER A 81 -8.15 0.96 3.15
C SER A 81 -8.34 -0.26 2.27
N PRO A 82 -7.94 -1.44 2.75
CA PRO A 82 -8.18 -2.69 2.06
C PRO A 82 -9.53 -3.32 2.41
N PHE A 83 -10.28 -2.66 3.29
CA PHE A 83 -11.57 -3.17 3.72
C PHE A 83 -12.65 -2.09 3.62
N SER A 84 -12.83 -1.33 4.69
CA SER A 84 -13.84 -0.28 4.71
C SER A 84 -13.20 1.10 4.76
N TYR A 85 -13.60 1.94 3.83
CA TYR A 85 -13.04 3.29 3.71
C TYR A 85 -13.74 4.23 4.67
N GLY A 86 -13.08 4.55 5.77
CA GLY A 86 -13.64 5.44 6.75
C GLY A 86 -12.90 5.37 8.06
N MET A 4 -15.90 11.50 5.54
CA MET A 4 -14.48 11.06 5.55
C MET A 4 -13.94 11.12 6.98
N ASN A 5 -14.01 10.01 7.68
CA ASN A 5 -13.54 9.95 9.06
C ASN A 5 -12.62 8.76 9.24
N LYS A 6 -11.36 8.94 8.87
CA LYS A 6 -10.38 7.86 8.87
C LYS A 6 -10.90 6.70 8.04
N VAL A 7 -10.83 6.85 6.73
CA VAL A 7 -11.41 5.88 5.81
C VAL A 7 -10.56 4.63 5.70
N GLN A 8 -9.36 4.68 6.24
CA GLN A 8 -8.47 3.53 6.21
C GLN A 8 -8.82 2.53 7.29
N ALA A 9 -9.42 1.42 6.88
CA ALA A 9 -9.64 0.31 7.78
C ALA A 9 -8.31 -0.32 8.17
N PRO A 10 -8.20 -0.84 9.40
CA PRO A 10 -6.96 -1.42 9.93
C PRO A 10 -6.42 -2.52 9.03
N ALA A 11 -5.34 -2.21 8.32
CA ALA A 11 -4.69 -3.16 7.44
C ALA A 11 -3.92 -4.18 8.26
N ARG A 12 -4.45 -5.37 8.36
CA ARG A 12 -3.87 -6.39 9.21
C ARG A 12 -3.71 -7.71 8.45
N PRO A 13 -2.49 -8.26 8.48
CA PRO A 13 -2.16 -9.51 7.78
C PRO A 13 -2.95 -10.70 8.31
N GLY A 14 -3.33 -11.59 7.41
CA GLY A 14 -4.09 -12.76 7.81
C GLY A 14 -5.50 -12.72 7.29
N ALA A 15 -5.92 -11.57 6.80
CA ALA A 15 -7.24 -11.39 6.26
C ALA A 15 -7.21 -11.55 4.74
N ILE A 16 -8.34 -11.96 4.17
CA ILE A 16 -8.45 -12.13 2.73
C ILE A 16 -8.82 -10.79 2.08
N ALA A 17 -8.03 -10.40 1.09
CA ALA A 17 -8.21 -9.13 0.40
C ALA A 17 -9.57 -9.05 -0.28
N PRO A 18 -10.47 -8.20 0.23
CA PRO A 18 -11.82 -8.01 -0.33
C PRO A 18 -11.80 -7.21 -1.63
N LEU A 19 -11.07 -6.12 -1.62
CA LEU A 19 -11.07 -5.19 -2.74
C LEU A 19 -9.78 -5.27 -3.53
N SER A 20 -9.83 -4.81 -4.77
CA SER A 20 -8.66 -4.71 -5.61
C SER A 20 -7.94 -3.41 -5.31
N VAL A 21 -7.27 -3.41 -4.19
CA VAL A 21 -6.57 -2.23 -3.71
C VAL A 21 -5.45 -1.84 -4.66
N VAL A 22 -5.37 -0.55 -4.95
CA VAL A 22 -4.37 -0.04 -5.85
C VAL A 22 -3.57 1.06 -5.17
N ILE A 23 -2.24 0.94 -5.22
CA ILE A 23 -1.35 1.98 -4.74
C ILE A 23 -1.12 2.99 -5.87
N PRO A 24 -1.80 4.13 -5.83
CA PRO A 24 -1.85 5.08 -6.95
C PRO A 24 -0.56 5.83 -7.21
N ALA A 25 -0.24 5.91 -8.48
CA ALA A 25 0.93 6.61 -8.96
C ALA A 25 0.73 8.12 -8.91
N HIS A 26 1.13 8.72 -7.80
CA HIS A 26 1.03 10.17 -7.63
C HIS A 26 1.99 10.65 -6.56
N ASN A 27 1.96 9.99 -5.41
CA ASN A 27 2.82 10.31 -4.27
C ASN A 27 2.39 9.48 -3.08
N THR A 28 3.34 9.16 -2.22
CA THR A 28 3.06 8.35 -1.04
C THR A 28 3.16 9.20 0.22
N GLY A 29 4.03 10.20 0.17
CA GLY A 29 4.31 11.02 1.34
C GLY A 29 5.37 10.37 2.21
N LEU A 30 5.89 9.25 1.74
CA LEU A 30 6.86 8.48 2.47
C LEU A 30 8.28 8.82 2.01
N GLY A 31 9.24 8.60 2.89
CA GLY A 31 10.63 8.83 2.56
C GLY A 31 11.19 7.70 1.71
N PRO A 32 12.42 7.83 1.22
CA PRO A 32 13.01 6.88 0.28
C PRO A 32 13.21 5.49 0.89
N GLU A 33 13.23 5.42 2.20
CA GLU A 33 13.49 4.15 2.90
C GLU A 33 12.35 3.17 2.69
N LYS A 34 11.14 3.69 2.48
CA LYS A 34 9.96 2.85 2.35
C LYS A 34 9.94 2.11 1.02
N THR A 35 10.88 2.43 0.15
CA THR A 35 10.98 1.78 -1.13
C THR A 35 11.36 0.32 -0.95
N SER A 36 11.93 0.00 0.21
CA SER A 36 12.21 -1.38 0.57
C SER A 36 10.90 -2.16 0.66
N PHE A 37 9.89 -1.53 1.25
CA PHE A 37 8.58 -2.15 1.40
C PHE A 37 7.89 -2.23 0.05
N PHE A 38 7.91 -1.14 -0.70
CA PHE A 38 7.29 -1.12 -2.02
C PHE A 38 7.90 -2.21 -2.89
N GLN A 39 9.22 -2.27 -2.89
CA GLN A 39 9.94 -3.28 -3.66
C GLN A 39 9.75 -4.67 -3.07
N ALA A 40 9.45 -4.73 -1.78
CA ALA A 40 9.16 -5.99 -1.11
C ALA A 40 7.87 -6.58 -1.66
N LEU A 41 6.95 -5.70 -2.02
CA LEU A 41 5.70 -6.13 -2.63
C LEU A 41 5.76 -5.98 -4.15
N SER A 42 6.98 -6.03 -4.69
CA SER A 42 7.23 -6.01 -6.13
C SER A 42 6.61 -4.78 -6.79
N ILE A 43 6.95 -3.60 -6.30
CA ILE A 43 6.40 -2.37 -6.82
C ILE A 43 7.46 -1.52 -7.53
N PRO A 44 7.12 -0.97 -8.72
CA PRO A 44 8.00 -0.05 -9.45
C PRO A 44 8.01 1.32 -8.79
N THR A 45 9.17 1.73 -8.31
CA THR A 45 9.28 2.94 -7.54
C THR A 45 10.40 3.84 -8.03
N LYS A 46 10.21 5.14 -7.88
CA LYS A 46 11.25 6.12 -8.18
C LYS A 46 11.27 7.20 -7.12
N ILE A 47 12.46 7.59 -6.71
CA ILE A 47 12.63 8.65 -5.73
C ILE A 47 12.57 9.99 -6.42
N SER A 48 11.48 10.72 -6.20
CA SER A 48 11.26 11.99 -6.85
C SER A 48 12.14 13.08 -6.24
N LYS A 49 11.81 13.51 -5.03
CA LYS A 49 12.59 14.52 -4.35
C LYS A 49 12.61 14.24 -2.85
N GLY A 50 13.46 13.31 -2.44
CA GLY A 50 13.56 12.95 -1.03
C GLY A 50 12.39 12.10 -0.57
N THR A 51 11.48 11.83 -1.49
CA THR A 51 10.33 11.01 -1.21
C THR A 51 10.21 9.89 -2.24
N ILE A 52 9.65 8.77 -1.84
CA ILE A 52 9.46 7.66 -2.73
C ILE A 52 8.08 7.80 -3.40
N GLU A 53 8.07 7.79 -4.72
CA GLU A 53 6.83 7.92 -5.46
C GLU A 53 6.57 6.68 -6.29
N ILE A 54 5.30 6.43 -6.56
CA ILE A 54 4.88 5.28 -7.34
C ILE A 54 4.71 5.69 -8.80
N ILE A 55 5.29 4.91 -9.70
CA ILE A 55 5.27 5.26 -11.11
C ILE A 55 4.12 4.58 -11.84
N ASN A 56 3.83 3.37 -11.47
CA ASN A 56 2.71 2.62 -12.03
C ASN A 56 1.75 2.23 -10.92
N ASP A 57 0.47 2.54 -11.08
CA ASP A 57 -0.52 2.20 -10.06
C ASP A 57 -0.54 0.69 -9.85
N VAL A 58 -0.37 0.28 -8.60
CA VAL A 58 -0.14 -1.12 -8.29
C VAL A 58 -1.40 -1.82 -7.80
N HIS A 59 -1.71 -2.95 -8.41
CA HIS A 59 -2.73 -3.84 -7.87
C HIS A 59 -2.14 -4.58 -6.67
N ILE A 60 -1.98 -3.86 -5.57
CA ILE A 60 -1.34 -4.39 -4.38
C ILE A 60 -2.18 -5.53 -3.78
N LEU A 61 -3.49 -5.34 -3.74
CA LEU A 61 -4.37 -6.40 -3.28
C LEU A 61 -5.32 -6.79 -4.39
N LYS A 62 -5.81 -8.01 -4.30
CA LYS A 62 -6.73 -8.55 -5.27
C LYS A 62 -7.65 -9.56 -4.58
N PRO A 63 -8.96 -9.42 -4.81
CA PRO A 63 -9.97 -10.31 -4.24
C PRO A 63 -9.61 -11.78 -4.35
N GLY A 64 -9.23 -12.37 -3.22
CA GLY A 64 -8.85 -13.77 -3.20
C GLY A 64 -7.49 -13.97 -2.54
N ASP A 65 -6.68 -12.93 -2.53
CA ASP A 65 -5.35 -13.02 -1.93
C ASP A 65 -5.41 -12.76 -0.44
N LYS A 66 -4.45 -13.31 0.30
CA LYS A 66 -4.41 -13.15 1.74
C LYS A 66 -3.37 -12.10 2.11
N VAL A 67 -3.85 -10.97 2.63
CA VAL A 67 -3.00 -9.84 2.97
C VAL A 67 -1.79 -10.26 3.82
N GLY A 68 -0.60 -9.93 3.32
CA GLY A 68 0.63 -10.31 3.99
C GLY A 68 1.04 -9.34 5.08
N ALA A 69 2.13 -9.67 5.78
CA ALA A 69 2.59 -8.88 6.91
C ALA A 69 3.17 -7.54 6.47
N SER A 70 4.27 -7.58 5.75
CA SER A 70 4.89 -6.36 5.23
C SER A 70 3.97 -5.69 4.23
N GLU A 71 3.10 -6.50 3.64
CA GLU A 71 2.11 -6.01 2.69
C GLU A 71 1.09 -5.13 3.41
N ALA A 72 0.56 -5.64 4.51
CA ALA A 72 -0.36 -4.88 5.35
C ALA A 72 0.33 -3.63 5.89
N THR A 73 1.59 -3.79 6.26
CA THR A 73 2.39 -2.68 6.74
C THR A 73 2.52 -1.60 5.67
N LEU A 74 2.76 -2.02 4.45
CA LEU A 74 2.85 -1.12 3.31
C LEU A 74 1.53 -0.37 3.13
N LEU A 75 0.43 -1.12 3.11
CA LEU A 75 -0.90 -0.55 2.94
C LEU A 75 -1.23 0.40 4.09
N ASN A 76 -0.68 0.12 5.27
CA ASN A 76 -0.94 0.95 6.42
C ASN A 76 -0.20 2.27 6.26
N MET A 77 1.03 2.19 5.79
CA MET A 77 1.84 3.38 5.57
C MET A 77 1.25 4.24 4.46
N LEU A 78 0.65 3.57 3.48
CA LEU A 78 0.06 4.25 2.33
C LEU A 78 -1.22 4.98 2.70
N ASN A 79 -1.73 4.68 3.90
CA ASN A 79 -2.98 5.27 4.38
C ASN A 79 -4.13 4.88 3.46
N ILE A 80 -4.03 3.68 2.89
CA ILE A 80 -5.02 3.20 1.94
C ILE A 80 -5.92 2.16 2.59
N SER A 81 -7.20 2.20 2.27
CA SER A 81 -8.19 1.28 2.82
C SER A 81 -8.21 -0.03 2.04
N PRO A 82 -7.69 -1.13 2.62
CA PRO A 82 -7.69 -2.42 1.97
C PRO A 82 -8.91 -3.27 2.30
N PHE A 83 -9.76 -2.77 3.19
CA PHE A 83 -10.92 -3.53 3.64
C PHE A 83 -12.19 -2.68 3.60
N SER A 84 -12.29 -1.76 4.54
CA SER A 84 -13.48 -0.93 4.67
C SER A 84 -13.10 0.54 4.73
N TYR A 85 -14.10 1.41 4.73
CA TYR A 85 -13.88 2.85 4.81
C TYR A 85 -14.34 3.37 6.17
N GLY A 86 -14.38 4.69 6.34
CA GLY A 86 -14.73 5.24 7.64
C GLY A 86 -15.26 6.65 7.54
N MET A 4 -14.08 11.32 7.53
CA MET A 4 -14.78 11.14 8.81
C MET A 4 -13.79 11.01 9.96
N ASN A 5 -13.18 9.83 10.09
CA ASN A 5 -12.27 9.54 11.19
C ASN A 5 -11.73 8.12 11.03
N LYS A 6 -10.62 7.81 11.72
CA LYS A 6 -9.96 6.50 11.67
C LYS A 6 -9.98 5.91 10.25
N VAL A 7 -9.39 6.65 9.32
CA VAL A 7 -9.41 6.28 7.92
C VAL A 7 -8.64 4.99 7.65
N GLN A 8 -7.64 4.70 8.47
CA GLN A 8 -6.78 3.54 8.25
C GLN A 8 -7.33 2.32 8.98
N ALA A 9 -8.13 1.54 8.28
CA ALA A 9 -8.60 0.26 8.78
C ALA A 9 -7.42 -0.64 9.10
N PRO A 10 -7.53 -1.44 10.16
CA PRO A 10 -6.45 -2.35 10.60
C PRO A 10 -6.04 -3.34 9.51
N ALA A 11 -5.03 -2.97 8.74
CA ALA A 11 -4.48 -3.86 7.73
C ALA A 11 -3.57 -4.87 8.41
N ARG A 12 -4.03 -6.10 8.49
CA ARG A 12 -3.31 -7.11 9.23
C ARG A 12 -3.11 -8.38 8.38
N PRO A 13 -1.86 -8.86 8.29
CA PRO A 13 -1.50 -10.05 7.54
C PRO A 13 -2.32 -11.28 7.93
N GLY A 14 -2.95 -11.90 6.95
CA GLY A 14 -3.78 -13.05 7.22
C GLY A 14 -5.22 -12.79 6.86
N ALA A 15 -5.59 -11.52 6.85
CA ALA A 15 -6.93 -11.11 6.47
C ALA A 15 -7.07 -11.13 4.95
N ILE A 16 -8.22 -11.59 4.48
CA ILE A 16 -8.49 -11.68 3.05
C ILE A 16 -8.78 -10.30 2.48
N ALA A 17 -8.11 -9.99 1.38
CA ALA A 17 -8.25 -8.70 0.70
C ALA A 17 -9.66 -8.54 0.14
N PRO A 18 -10.45 -7.63 0.74
CA PRO A 18 -11.84 -7.40 0.34
C PRO A 18 -11.95 -6.65 -0.98
N LEU A 19 -11.04 -5.70 -1.20
CA LEU A 19 -11.11 -4.83 -2.36
C LEU A 19 -9.88 -4.97 -3.24
N SER A 20 -10.01 -4.56 -4.49
CA SER A 20 -8.89 -4.53 -5.41
C SER A 20 -8.15 -3.23 -5.25
N VAL A 21 -7.37 -3.16 -4.19
CA VAL A 21 -6.64 -1.97 -3.83
C VAL A 21 -5.50 -1.72 -4.81
N VAL A 22 -5.37 -0.47 -5.24
CA VAL A 22 -4.35 -0.08 -6.17
C VAL A 22 -3.53 1.08 -5.61
N ILE A 23 -2.22 0.87 -5.50
CA ILE A 23 -1.32 1.92 -5.05
C ILE A 23 -1.04 2.86 -6.22
N PRO A 24 -1.62 4.07 -6.21
CA PRO A 24 -1.61 4.98 -7.37
C PRO A 24 -0.22 5.49 -7.71
N ALA A 25 -0.02 5.66 -9.00
CA ALA A 25 1.25 6.08 -9.56
C ALA A 25 1.55 7.54 -9.27
N HIS A 26 2.06 7.82 -8.08
CA HIS A 26 2.49 9.14 -7.68
C HIS A 26 3.13 9.08 -6.30
N ASN A 27 3.59 10.21 -5.80
CA ASN A 27 4.16 10.28 -4.45
C ASN A 27 3.17 9.75 -3.43
N THR A 28 3.65 8.94 -2.51
CA THR A 28 2.80 8.34 -1.49
C THR A 28 2.83 9.13 -0.19
N GLY A 29 3.64 10.20 -0.17
CA GLY A 29 3.81 10.99 1.04
C GLY A 29 4.70 10.27 2.03
N LEU A 30 5.48 9.34 1.53
CA LEU A 30 6.36 8.53 2.35
C LEU A 30 7.82 8.80 1.98
N GLY A 31 8.69 8.71 2.96
CA GLY A 31 10.10 8.90 2.73
C GLY A 31 10.72 7.71 2.03
N PRO A 32 11.96 7.85 1.53
CA PRO A 32 12.64 6.81 0.74
C PRO A 32 13.04 5.58 1.56
N GLU A 33 12.49 5.45 2.76
CA GLU A 33 12.72 4.27 3.58
C GLU A 33 11.65 3.23 3.28
N LYS A 34 10.46 3.71 2.94
CA LYS A 34 9.31 2.84 2.74
C LYS A 34 9.45 2.07 1.42
N THR A 35 10.42 2.49 0.62
CA THR A 35 10.66 1.87 -0.66
C THR A 35 11.09 0.42 -0.50
N SER A 36 11.61 0.08 0.68
CA SER A 36 11.96 -1.30 0.97
C SER A 36 10.71 -2.17 0.97
N PHE A 37 9.60 -1.60 1.47
CA PHE A 37 8.33 -2.30 1.49
C PHE A 37 7.70 -2.32 0.12
N PHE A 38 7.78 -1.19 -0.58
CA PHE A 38 7.25 -1.13 -1.95
C PHE A 38 7.97 -2.15 -2.82
N GLN A 39 9.28 -2.12 -2.77
CA GLN A 39 10.11 -3.03 -3.53
C GLN A 39 9.93 -4.47 -3.05
N ALA A 40 9.64 -4.64 -1.76
CA ALA A 40 9.36 -5.96 -1.22
C ALA A 40 8.14 -6.57 -1.89
N LEU A 41 7.11 -5.76 -2.10
CA LEU A 41 5.91 -6.21 -2.79
C LEU A 41 6.07 -6.06 -4.30
N SER A 42 7.32 -6.04 -4.75
CA SER A 42 7.67 -5.98 -6.17
C SER A 42 7.03 -4.78 -6.85
N ILE A 43 7.20 -3.61 -6.25
CA ILE A 43 6.63 -2.39 -6.78
C ILE A 43 7.68 -1.52 -7.48
N PRO A 44 7.39 -1.06 -8.71
CA PRO A 44 8.26 -0.15 -9.44
C PRO A 44 8.18 1.27 -8.86
N THR A 45 9.28 1.70 -8.26
CA THR A 45 9.29 2.97 -7.55
C THR A 45 10.43 3.87 -8.01
N LYS A 46 10.30 5.14 -7.69
CA LYS A 46 11.37 6.10 -7.91
C LYS A 46 11.27 7.22 -6.88
N ILE A 47 12.41 7.78 -6.50
CA ILE A 47 12.43 8.83 -5.49
C ILE A 47 12.25 10.19 -6.15
N SER A 48 11.15 10.84 -5.84
CA SER A 48 10.80 12.11 -6.46
C SER A 48 11.56 13.26 -5.79
N LYS A 49 11.07 13.71 -4.65
CA LYS A 49 11.68 14.83 -3.95
C LYS A 49 11.97 14.44 -2.50
N GLY A 50 12.87 13.49 -2.32
CA GLY A 50 13.14 12.96 -1.00
C GLY A 50 11.98 12.13 -0.49
N THR A 51 11.11 11.76 -1.41
CA THR A 51 9.96 10.93 -1.11
C THR A 51 9.81 9.86 -2.18
N ILE A 52 9.25 8.73 -1.80
CA ILE A 52 9.09 7.62 -2.72
C ILE A 52 7.80 7.78 -3.53
N GLU A 53 7.94 7.69 -4.85
CA GLU A 53 6.80 7.80 -5.75
C GLU A 53 6.60 6.52 -6.54
N ILE A 54 5.35 6.25 -6.85
CA ILE A 54 4.97 5.09 -7.64
C ILE A 54 4.88 5.49 -9.10
N ILE A 55 5.38 4.65 -9.99
CA ILE A 55 5.41 4.99 -11.40
C ILE A 55 4.28 4.32 -12.18
N ASN A 56 3.97 3.08 -11.82
CA ASN A 56 2.90 2.34 -12.46
C ASN A 56 1.86 1.94 -11.42
N ASP A 57 0.58 2.03 -11.79
CA ASP A 57 -0.51 1.68 -10.87
C ASP A 57 -0.35 0.25 -10.36
N VAL A 58 -0.05 0.14 -9.08
CA VAL A 58 0.24 -1.16 -8.48
C VAL A 58 -1.04 -1.84 -8.04
N HIS A 59 -1.20 -3.08 -8.46
CA HIS A 59 -2.37 -3.86 -8.07
C HIS A 59 -2.02 -4.64 -6.82
N ILE A 60 -1.92 -3.91 -5.71
CA ILE A 60 -1.41 -4.45 -4.46
C ILE A 60 -2.34 -5.52 -3.87
N LEU A 61 -3.64 -5.28 -3.91
CA LEU A 61 -4.58 -6.25 -3.38
C LEU A 61 -5.54 -6.75 -4.44
N LYS A 62 -5.81 -8.03 -4.36
CA LYS A 62 -6.80 -8.67 -5.21
C LYS A 62 -7.92 -9.21 -4.33
N PRO A 63 -9.18 -8.86 -4.63
CA PRO A 63 -10.33 -9.37 -3.89
C PRO A 63 -10.34 -10.90 -3.83
N GLY A 64 -9.90 -11.43 -2.70
CA GLY A 64 -9.78 -12.87 -2.55
C GLY A 64 -8.39 -13.29 -2.10
N ASP A 65 -7.43 -12.39 -2.22
CA ASP A 65 -6.05 -12.66 -1.81
C ASP A 65 -5.94 -12.53 -0.29
N LYS A 66 -4.78 -12.84 0.25
CA LYS A 66 -4.57 -12.78 1.69
C LYS A 66 -3.46 -11.79 1.98
N VAL A 67 -3.84 -10.65 2.58
CA VAL A 67 -2.91 -9.56 2.86
C VAL A 67 -1.67 -10.06 3.61
N GLY A 68 -0.49 -9.77 3.06
CA GLY A 68 0.75 -10.21 3.65
C GLY A 68 1.24 -9.29 4.77
N ALA A 69 2.40 -9.61 5.33
CA ALA A 69 2.93 -8.87 6.48
C ALA A 69 3.48 -7.50 6.06
N SER A 70 4.53 -7.50 5.26
CA SER A 70 5.08 -6.25 4.75
C SER A 70 4.07 -5.57 3.84
N GLU A 71 3.17 -6.38 3.28
CA GLU A 71 2.10 -5.89 2.44
C GLU A 71 1.11 -5.08 3.27
N ALA A 72 0.70 -5.64 4.41
CA ALA A 72 -0.16 -4.93 5.35
C ALA A 72 0.52 -3.65 5.82
N THR A 73 1.79 -3.78 6.17
CA THR A 73 2.59 -2.65 6.61
C THR A 73 2.63 -1.57 5.52
N LEU A 74 2.72 -2.00 4.27
CA LEU A 74 2.73 -1.07 3.15
C LEU A 74 1.38 -0.39 2.99
N LEU A 75 0.31 -1.15 3.13
CA LEU A 75 -1.03 -0.60 3.03
C LEU A 75 -1.33 0.28 4.24
N ASN A 76 -0.54 0.13 5.29
CA ASN A 76 -0.66 0.96 6.48
C ASN A 76 0.04 2.28 6.28
N MET A 77 1.27 2.22 5.77
CA MET A 77 2.03 3.43 5.49
C MET A 77 1.37 4.23 4.38
N LEU A 78 0.75 3.52 3.46
CA LEU A 78 0.03 4.13 2.36
C LEU A 78 -1.17 4.91 2.86
N ASN A 79 -1.76 4.41 3.94
CA ASN A 79 -3.01 4.96 4.47
C ASN A 79 -4.07 4.91 3.37
N ILE A 80 -4.09 3.78 2.66
CA ILE A 80 -4.90 3.66 1.46
C ILE A 80 -6.25 3.01 1.77
N SER A 81 -6.39 2.55 3.02
CA SER A 81 -7.63 1.94 3.51
C SER A 81 -7.99 0.69 2.70
N PRO A 82 -7.24 -0.42 2.88
CA PRO A 82 -7.47 -1.65 2.11
C PRO A 82 -8.70 -2.44 2.56
N PHE A 83 -9.30 -2.00 3.66
CA PHE A 83 -10.49 -2.65 4.19
C PHE A 83 -11.62 -1.64 4.30
N SER A 84 -11.42 -0.64 5.15
CA SER A 84 -12.40 0.40 5.36
C SER A 84 -11.69 1.74 5.46
N TYR A 85 -12.40 2.80 5.12
CA TYR A 85 -11.85 4.15 5.20
C TYR A 85 -12.50 4.93 6.33
N GLY A 86 -13.18 4.21 7.20
CA GLY A 86 -13.88 4.83 8.29
C GLY A 86 -14.36 3.79 9.28
N MET A 4 -10.26 12.69 4.40
CA MET A 4 -10.60 11.36 4.96
C MET A 4 -10.12 11.25 6.39
N ASN A 5 -10.93 10.64 7.25
CA ASN A 5 -10.67 10.63 8.69
C ASN A 5 -10.72 9.21 9.23
N LYS A 6 -9.54 8.66 9.55
CA LYS A 6 -9.43 7.31 10.05
C LYS A 6 -10.09 6.32 9.10
N VAL A 7 -10.01 6.63 7.81
CA VAL A 7 -10.62 5.79 6.78
C VAL A 7 -9.82 4.49 6.64
N GLN A 8 -8.53 4.56 6.95
CA GLN A 8 -7.66 3.39 6.89
C GLN A 8 -8.17 2.29 7.80
N ALA A 9 -8.64 1.21 7.19
CA ALA A 9 -9.05 0.04 7.91
C ALA A 9 -7.81 -0.75 8.35
N PRO A 10 -7.90 -1.45 9.49
CA PRO A 10 -6.78 -2.23 10.04
C PRO A 10 -6.29 -3.29 9.07
N ALA A 11 -5.24 -2.96 8.32
CA ALA A 11 -4.61 -3.91 7.43
C ALA A 11 -3.80 -4.90 8.24
N ARG A 12 -4.34 -6.08 8.42
CA ARG A 12 -3.72 -7.05 9.30
C ARG A 12 -3.37 -8.32 8.55
N PRO A 13 -2.10 -8.73 8.61
CA PRO A 13 -1.61 -9.96 7.96
C PRO A 13 -2.42 -11.19 8.35
N GLY A 14 -3.03 -11.81 7.36
CA GLY A 14 -3.88 -12.95 7.60
C GLY A 14 -5.31 -12.69 7.19
N ALA A 15 -5.64 -11.42 7.03
CA ALA A 15 -6.96 -11.02 6.58
C ALA A 15 -7.08 -11.15 5.06
N ILE A 16 -8.28 -11.42 4.59
CA ILE A 16 -8.51 -11.63 3.17
C ILE A 16 -8.76 -10.28 2.47
N ALA A 17 -8.13 -10.11 1.32
CA ALA A 17 -8.25 -8.87 0.55
C ALA A 17 -9.62 -8.80 -0.13
N PRO A 18 -10.49 -7.89 0.33
CA PRO A 18 -11.84 -7.73 -0.21
C PRO A 18 -11.88 -6.94 -1.51
N LEU A 19 -11.02 -5.93 -1.62
CA LEU A 19 -11.08 -5.01 -2.73
C LEU A 19 -9.84 -5.10 -3.61
N SER A 20 -9.96 -4.62 -4.84
CA SER A 20 -8.85 -4.52 -5.75
C SER A 20 -8.07 -3.26 -5.45
N VAL A 21 -7.37 -3.28 -4.34
CA VAL A 21 -6.62 -2.12 -3.88
C VAL A 21 -5.47 -1.83 -4.84
N VAL A 22 -5.39 -0.58 -5.25
CA VAL A 22 -4.37 -0.15 -6.19
C VAL A 22 -3.55 0.98 -5.59
N ILE A 23 -2.24 0.79 -5.51
CA ILE A 23 -1.33 1.83 -5.04
C ILE A 23 -1.05 2.79 -6.19
N PRO A 24 -1.64 3.99 -6.14
CA PRO A 24 -1.62 4.95 -7.27
C PRO A 24 -0.23 5.43 -7.62
N ALA A 25 -0.05 5.58 -8.92
CA ALA A 25 1.17 6.13 -9.48
C ALA A 25 1.28 7.62 -9.15
N HIS A 26 1.79 7.89 -7.96
CA HIS A 26 1.79 9.23 -7.38
C HIS A 26 2.61 9.18 -6.10
N ASN A 27 3.13 10.31 -5.66
CA ASN A 27 3.93 10.34 -4.44
C ASN A 27 3.07 10.00 -3.22
N THR A 28 3.58 9.08 -2.41
CA THR A 28 2.85 8.60 -1.25
C THR A 28 3.07 9.50 -0.05
N GLY A 29 4.01 10.43 -0.19
CA GLY A 29 4.36 11.31 0.90
C GLY A 29 5.32 10.65 1.87
N LEU A 30 5.66 9.41 1.58
CA LEU A 30 6.54 8.63 2.41
C LEU A 30 7.99 8.89 2.03
N GLY A 31 8.89 8.70 2.99
CA GLY A 31 10.30 8.90 2.75
C GLY A 31 10.89 7.78 1.91
N PRO A 32 12.12 7.97 1.43
CA PRO A 32 12.76 7.02 0.50
C PRO A 32 13.09 5.68 1.15
N GLU A 33 12.81 5.55 2.43
CA GLU A 33 13.06 4.31 3.15
C GLU A 33 11.96 3.30 2.85
N LYS A 34 10.75 3.81 2.65
CA LYS A 34 9.58 2.96 2.48
C LYS A 34 9.62 2.19 1.17
N THR A 35 10.55 2.58 0.30
CA THR A 35 10.69 1.93 -0.98
C THR A 35 11.17 0.49 -0.78
N SER A 36 11.71 0.20 0.40
CA SER A 36 12.06 -1.16 0.76
C SER A 36 10.81 -2.03 0.77
N PHE A 37 9.74 -1.48 1.32
CA PHE A 37 8.47 -2.18 1.42
C PHE A 37 7.79 -2.23 0.05
N PHE A 38 7.86 -1.12 -0.66
CA PHE A 38 7.28 -1.06 -2.01
C PHE A 38 7.96 -2.10 -2.89
N GLN A 39 9.29 -2.09 -2.89
CA GLN A 39 10.07 -3.04 -3.66
C GLN A 39 9.86 -4.46 -3.15
N ALA A 40 9.61 -4.60 -1.85
CA ALA A 40 9.32 -5.90 -1.26
C ALA A 40 8.06 -6.50 -1.85
N LEU A 41 7.05 -5.65 -2.08
CA LEU A 41 5.83 -6.09 -2.72
C LEU A 41 5.92 -5.91 -4.24
N SER A 42 7.14 -6.05 -4.76
CA SER A 42 7.42 -5.99 -6.21
C SER A 42 6.84 -4.74 -6.87
N ILE A 43 7.10 -3.59 -6.29
CA ILE A 43 6.55 -2.34 -6.82
C ILE A 43 7.63 -1.48 -7.46
N PRO A 44 7.35 -0.98 -8.69
CA PRO A 44 8.23 -0.05 -9.39
C PRO A 44 8.11 1.36 -8.83
N THR A 45 9.19 1.85 -8.23
CA THR A 45 9.17 3.13 -7.57
C THR A 45 10.32 4.01 -8.02
N LYS A 46 10.20 5.30 -7.76
CA LYS A 46 11.29 6.23 -7.98
C LYS A 46 11.17 7.41 -7.02
N ILE A 47 12.31 7.88 -6.54
CA ILE A 47 12.33 8.96 -5.57
C ILE A 47 12.16 10.29 -6.27
N SER A 48 11.09 10.99 -5.91
CA SER A 48 10.77 12.28 -6.52
C SER A 48 11.81 13.32 -6.14
N LYS A 49 12.28 13.23 -4.90
CA LYS A 49 13.29 14.15 -4.37
C LYS A 49 13.72 13.67 -2.99
N GLY A 50 12.79 13.73 -2.05
CA GLY A 50 13.02 13.18 -0.73
C GLY A 50 11.90 12.27 -0.32
N THR A 51 11.00 12.00 -1.25
CA THR A 51 9.88 11.11 -1.02
C THR A 51 9.81 10.06 -2.11
N ILE A 52 9.27 8.90 -1.77
CA ILE A 52 9.14 7.81 -2.71
C ILE A 52 7.83 7.96 -3.49
N GLU A 53 7.92 7.85 -4.81
CA GLU A 53 6.76 7.95 -5.68
C GLU A 53 6.54 6.66 -6.44
N ILE A 54 5.29 6.42 -6.80
CA ILE A 54 4.91 5.24 -7.55
C ILE A 54 4.80 5.60 -9.03
N ILE A 55 5.41 4.79 -9.89
CA ILE A 55 5.42 5.10 -11.31
C ILE A 55 4.28 4.41 -12.05
N ASN A 56 3.94 3.21 -11.61
CA ASN A 56 2.83 2.47 -12.19
C ASN A 56 1.84 2.08 -11.12
N ASP A 57 0.55 2.24 -11.42
CA ASP A 57 -0.51 1.89 -10.47
C ASP A 57 -0.43 0.41 -10.14
N VAL A 58 -0.21 0.09 -8.87
CA VAL A 58 0.04 -1.27 -8.46
C VAL A 58 -1.24 -1.98 -8.03
N HIS A 59 -1.48 -3.16 -8.58
CA HIS A 59 -2.55 -4.02 -8.10
C HIS A 59 -2.08 -4.73 -6.84
N ILE A 60 -1.91 -3.96 -5.76
CA ILE A 60 -1.36 -4.48 -4.52
C ILE A 60 -2.25 -5.59 -3.95
N LEU A 61 -3.54 -5.31 -3.82
CA LEU A 61 -4.47 -6.30 -3.33
C LEU A 61 -5.46 -6.67 -4.40
N LYS A 62 -6.08 -7.81 -4.24
CA LYS A 62 -7.05 -8.31 -5.18
C LYS A 62 -8.02 -9.23 -4.45
N PRO A 63 -9.32 -9.03 -4.66
CA PRO A 63 -10.37 -9.80 -3.99
C PRO A 63 -10.13 -11.29 -4.03
N GLY A 64 -9.83 -11.86 -2.87
CA GLY A 64 -9.56 -13.28 -2.78
C GLY A 64 -8.18 -13.58 -2.25
N ASP A 65 -7.30 -12.59 -2.30
CA ASP A 65 -5.93 -12.75 -1.82
C ASP A 65 -5.90 -12.61 -0.30
N LYS A 66 -4.74 -12.83 0.29
CA LYS A 66 -4.60 -12.82 1.74
C LYS A 66 -3.49 -11.85 2.14
N VAL A 67 -3.90 -10.71 2.69
CA VAL A 67 -2.97 -9.63 3.05
C VAL A 67 -1.82 -10.16 3.91
N GLY A 68 -0.59 -9.94 3.44
CA GLY A 68 0.58 -10.44 4.14
C GLY A 68 1.11 -9.44 5.17
N ALA A 69 2.23 -9.77 5.79
CA ALA A 69 2.81 -8.96 6.86
C ALA A 69 3.39 -7.66 6.33
N SER A 70 4.44 -7.77 5.52
CA SER A 70 5.08 -6.61 4.92
C SER A 70 4.07 -5.88 4.03
N GLU A 71 3.14 -6.65 3.48
CA GLU A 71 2.10 -6.13 2.62
C GLU A 71 1.15 -5.25 3.43
N ALA A 72 0.70 -5.76 4.57
CA ALA A 72 -0.15 -5.00 5.49
C ALA A 72 0.57 -3.74 5.95
N THR A 73 1.87 -3.88 6.20
CA THR A 73 2.70 -2.77 6.62
C THR A 73 2.71 -1.68 5.55
N LEU A 74 2.80 -2.09 4.29
CA LEU A 74 2.79 -1.16 3.17
C LEU A 74 1.43 -0.50 3.04
N LEU A 75 0.37 -1.26 3.19
CA LEU A 75 -0.97 -0.72 3.11
C LEU A 75 -1.27 0.19 4.30
N ASN A 76 -0.50 0.01 5.37
CA ASN A 76 -0.62 0.86 6.55
C ASN A 76 0.09 2.18 6.32
N MET A 77 1.31 2.11 5.80
CA MET A 77 2.07 3.32 5.51
C MET A 77 1.39 4.13 4.41
N LEU A 78 0.63 3.42 3.59
CA LEU A 78 -0.10 4.03 2.50
C LEU A 78 -1.35 4.75 3.00
N ASN A 79 -1.92 4.24 4.10
CA ASN A 79 -3.19 4.76 4.61
C ASN A 79 -4.26 4.62 3.52
N ILE A 80 -4.13 3.56 2.73
CA ILE A 80 -4.92 3.39 1.52
C ILE A 80 -6.26 2.73 1.81
N SER A 81 -6.40 2.19 3.02
CA SER A 81 -7.64 1.54 3.45
C SER A 81 -8.00 0.36 2.54
N PRO A 82 -7.38 -0.81 2.77
CA PRO A 82 -7.63 -2.00 1.95
C PRO A 82 -8.99 -2.65 2.23
N PHE A 83 -9.69 -2.15 3.24
CA PHE A 83 -11.02 -2.66 3.56
C PHE A 83 -12.07 -1.57 3.46
N SER A 84 -12.42 -0.95 4.59
CA SER A 84 -13.46 0.05 4.61
C SER A 84 -13.36 0.90 5.89
N TYR A 85 -13.77 2.16 5.78
CA TYR A 85 -13.90 3.01 6.95
C TYR A 85 -15.10 2.56 7.76
N GLY A 86 -16.22 2.44 7.06
CA GLY A 86 -17.44 1.99 7.67
C GLY A 86 -18.64 2.36 6.83
#